data_7R8J
#
_entry.id   7R8J
#
_cell.length_a   199.190
_cell.length_b   199.190
_cell.length_c   199.190
_cell.angle_alpha   90.000
_cell.angle_beta   90.000
_cell.angle_gamma   90.000
#
_symmetry.space_group_name_H-M   'I 2 3'
#
loop_
_entity.id
_entity.type
_entity.pdbx_description
1 polymer Argonaute
2 polymer "DNA (5'-D(*TP*TP*AP*CP*TP*GP*CP*AP*CP*AP*GP*GP*TP*GP*AP*CP*GP*A)-3')"
#
loop_
_entity_poly.entity_id
_entity_poly.type
_entity_poly.pdbx_seq_one_letter_code
_entity_poly.pdbx_strand_id
1 'polypeptide(L)'
;MTLETTLFPLEGTGACGASYQLYAVKGLSGLDETEYHKNVNLLVRRLSFSMKAPFVALSRDGEQFIAVPNYVTEFPVDHR
VVRAMVKLVPTGEPLNLRFDAADDEYDGLRLRYLDFVLQQPLFANHHLWQPGSGQPFFHKKPLKRLDDVDLYDGVSVRAA
KHPEGGFGIVCDARSKFITHTPIGARADRKRLGKLINRSCLYKMGDHWYQFRIDAVSDWKVGEPSLFEGNVPISLAQQLV
RTAGNAAPKSIIDLDPEGGALEYFTSTNERRMAPAELCFLIEDTHGRRAAKLQRQTILSPSERRARVNGFIRRYLSELNI
GGAKLSAGARAHAFFTETHMPPALSFGNGTVLAPDTSKDRFQAMQEYSSMRRTMMLDKKVGFFHQDVFPPQTLLLPESVK
KSWGPAFASDFVGTVQELYPAGGYRPEIIEYRDKAYGGGVPGQMKALLEVAERGEIKSGDVLVMLHRINGAPRAQDKLAA
MVCNEFEKRFGKRVQVIHSDSPGRGYKRIFKNDKPTYVQQRGRGVNIKGYLKGAALNKVCLGNSRWPFVLRDPLNADVTI
GIDVKNNMAVFTMVAEGGRIVRVQRSRSRQREQLLESQVTQVITEMLSKELPEIKKQVQRVVIHRDGRAWPAEIAGARKT
FADMAESGLIAVDADVSVFEVLKSSPAPLRLFSFEEPTQENPKGVINPVLGSWLKLSENDGYICTTGAPLLLQGTADPLH
VRKAFGPMAIEDALKDVFDLSCLTWPKPDSCMRLPLTIKLCDIALFDDAAEYDVDVVRFADGNTGEASA
;
A
2 'polydeoxyribonucleotide/polyribonucleotide hybrid' (DT)(DT)(DA)(DC)(DT)(DG)(DC)(DA)(DC)(DA)(DG)(DG)(DT)(DG)(DA)(DC)(DG)(DA) T
#
loop_
_chem_comp.id
_chem_comp.type
_chem_comp.name
_chem_comp.formula
DA DNA linking 2'-DEOXYADENOSINE-5'-MONOPHOSPHATE 'C10 H14 N5 O6 P'
DC DNA linking 2'-DEOXYCYTIDINE-5'-MONOPHOSPHATE 'C9 H14 N3 O7 P'
DG DNA linking 2'-DEOXYGUANOSINE-5'-MONOPHOSPHATE 'C10 H14 N5 O7 P'
DT DNA linking THYMIDINE-5'-MONOPHOSPHATE 'C10 H15 N2 O8 P'
#
# COMPACT_ATOMS: atom_id res chain seq x y z
N MET A 1 25.15 -3.64 -10.52
CA MET A 1 25.57 -2.31 -10.98
C MET A 1 24.89 -1.93 -12.29
N THR A 2 24.73 -2.92 -13.18
CA THR A 2 24.15 -2.73 -14.51
C THR A 2 22.65 -2.99 -14.44
N LEU A 3 21.83 -1.91 -14.51
CA LEU A 3 20.40 -1.97 -14.18
C LEU A 3 19.51 -1.38 -15.27
N GLU A 4 18.39 -2.05 -15.53
CA GLU A 4 17.36 -1.71 -16.51
C GLU A 4 16.06 -1.38 -15.79
N THR A 5 15.18 -0.60 -16.43
CA THR A 5 13.89 -0.22 -15.87
C THR A 5 12.75 -0.71 -16.77
N THR A 6 11.51 -0.33 -16.40
CA THR A 6 10.35 -0.51 -17.27
C THR A 6 9.82 0.85 -17.71
N LEU A 7 10.74 1.77 -17.98
CA LEU A 7 10.43 3.12 -18.42
C LEU A 7 10.91 3.27 -19.85
N PHE A 8 9.97 3.27 -20.78
CA PHE A 8 10.20 3.17 -22.20
C PHE A 8 10.13 4.53 -22.87
N PRO A 9 11.13 4.84 -23.70
CA PRO A 9 11.15 6.14 -24.38
C PRO A 9 9.94 6.29 -25.28
N LEU A 10 9.42 7.50 -25.34
CA LEU A 10 8.32 7.82 -26.23
C LEU A 10 8.86 8.54 -27.46
N GLU A 11 8.54 8.02 -28.64
CA GLU A 11 9.03 8.58 -29.89
C GLU A 11 7.88 9.15 -30.71
N GLY A 12 8.23 10.03 -31.64
CA GLY A 12 7.23 10.73 -32.43
C GLY A 12 6.37 11.66 -31.62
N THR A 13 6.93 12.27 -30.58
CA THR A 13 6.15 13.09 -29.67
C THR A 13 6.11 14.58 -30.06
N GLY A 14 6.50 14.91 -31.30
CA GLY A 14 6.21 16.23 -31.83
C GLY A 14 4.76 16.33 -32.24
N ALA A 15 4.34 17.57 -32.57
CA ALA A 15 2.98 17.84 -33.04
C ALA A 15 1.93 17.24 -32.10
N CYS A 16 2.06 17.55 -30.82
CA CYS A 16 1.14 17.07 -29.78
C CYS A 16 0.58 18.26 -29.02
N GLY A 17 -0.70 18.55 -29.24
CA GLY A 17 -1.30 19.71 -28.65
C GLY A 17 -2.19 19.33 -27.48
N ALA A 18 -1.68 19.59 -26.28
CA ALA A 18 -2.51 19.51 -25.07
C ALA A 18 -3.06 20.92 -24.87
N SER A 19 -4.27 21.17 -25.39
CA SER A 19 -4.86 22.49 -25.34
C SER A 19 -5.85 22.56 -24.18
N TYR A 20 -5.57 23.45 -23.24
CA TYR A 20 -6.45 23.77 -22.12
C TYR A 20 -6.74 25.27 -22.12
N GLN A 21 -7.60 25.66 -21.19
CA GLN A 21 -7.75 27.05 -20.79
C GLN A 21 -8.23 27.03 -19.36
N LEU A 22 -7.51 27.71 -18.48
CA LEU A 22 -7.80 27.64 -17.06
C LEU A 22 -9.12 28.30 -16.73
N TYR A 23 -9.71 27.87 -15.62
CA TYR A 23 -10.86 28.51 -15.01
C TYR A 23 -10.55 28.71 -13.54
N ALA A 24 -11.39 29.50 -12.85
CA ALA A 24 -11.17 29.83 -11.45
C ALA A 24 -12.47 29.65 -10.69
N VAL A 25 -12.36 29.35 -9.39
CA VAL A 25 -13.47 28.85 -8.61
C VAL A 25 -13.70 29.78 -7.43
N LYS A 26 -14.78 30.58 -7.49
CA LYS A 26 -15.08 31.45 -6.35
C LYS A 26 -15.55 30.63 -5.15
N GLY A 27 -16.50 29.71 -5.36
CA GLY A 27 -16.87 28.76 -4.33
C GLY A 27 -17.36 29.44 -3.06
N LEU A 28 -16.76 29.08 -1.92
CA LEU A 28 -16.96 29.78 -0.66
C LEU A 28 -15.60 30.16 -0.11
N SER A 29 -15.42 31.47 0.15
CA SER A 29 -14.14 32.03 0.58
C SER A 29 -13.81 31.52 1.97
N GLY A 30 -14.67 30.69 2.51
CA GLY A 30 -14.42 30.00 3.74
C GLY A 30 -13.49 28.84 3.44
N LEU A 31 -12.21 29.14 3.25
CA LEU A 31 -11.21 28.11 3.02
C LEU A 31 -11.01 27.34 4.30
N ASP A 32 -11.82 26.29 4.51
CA ASP A 32 -11.72 25.47 5.71
C ASP A 32 -10.37 24.75 5.79
N GLU A 33 -9.67 24.64 4.66
CA GLU A 33 -8.33 24.06 4.55
C GLU A 33 -8.39 22.56 4.75
N THR A 34 -9.55 22.08 5.19
CA THR A 34 -9.88 20.68 5.36
C THR A 34 -11.08 20.29 4.53
N GLU A 35 -12.11 21.12 4.52
CA GLU A 35 -13.20 20.97 3.57
C GLU A 35 -12.92 21.72 2.28
N TYR A 36 -12.05 22.73 2.31
CA TYR A 36 -11.79 23.51 1.11
C TYR A 36 -11.20 22.65 0.00
N HIS A 37 -10.43 21.61 0.35
CA HIS A 37 -9.76 20.83 -0.67
C HIS A 37 -10.43 19.50 -0.97
N LYS A 38 -11.32 19.00 -0.11
CA LYS A 38 -12.16 17.87 -0.50
C LYS A 38 -12.96 18.23 -1.74
N ASN A 39 -13.59 19.40 -1.72
CA ASN A 39 -14.45 19.85 -2.80
C ASN A 39 -13.67 20.32 -4.02
N VAL A 40 -12.38 20.61 -3.86
CA VAL A 40 -11.53 20.86 -5.04
C VAL A 40 -11.59 19.68 -5.99
N ASN A 41 -11.17 18.50 -5.52
CA ASN A 41 -11.18 17.32 -6.37
C ASN A 41 -12.56 16.69 -6.53
N LEU A 42 -13.50 16.96 -5.62
CA LEU A 42 -14.84 16.43 -5.82
C LEU A 42 -15.39 16.86 -7.18
N LEU A 43 -15.31 18.15 -7.47
CA LEU A 43 -15.87 18.65 -8.73
C LEU A 43 -15.01 18.26 -9.93
N VAL A 44 -13.69 18.14 -9.74
CA VAL A 44 -12.84 17.73 -10.86
C VAL A 44 -13.20 16.31 -11.30
N ARG A 45 -13.36 15.39 -10.33
CA ARG A 45 -13.77 14.04 -10.72
C ARG A 45 -15.20 14.04 -11.27
N ARG A 46 -16.10 14.83 -10.64
CA ARG A 46 -17.49 14.89 -11.11
C ARG A 46 -17.57 15.36 -12.56
N LEU A 47 -16.73 16.33 -12.92
CA LEU A 47 -16.71 16.84 -14.29
C LEU A 47 -15.98 15.92 -15.24
N SER A 48 -14.93 15.23 -14.78
CA SER A 48 -14.21 14.30 -15.63
C SER A 48 -15.12 13.19 -16.13
N PHE A 49 -16.02 12.70 -15.28
CA PHE A 49 -16.82 11.56 -15.71
C PHE A 49 -18.01 11.96 -16.57
N SER A 50 -18.71 13.04 -16.21
CA SER A 50 -19.87 13.47 -16.99
C SER A 50 -19.46 13.97 -18.38
N MET A 51 -18.48 14.88 -18.44
CA MET A 51 -18.01 15.43 -19.71
C MET A 51 -17.11 14.46 -20.47
N LYS A 52 -16.50 13.49 -19.77
CA LYS A 52 -15.62 12.48 -20.36
C LYS A 52 -14.44 13.13 -21.10
N ALA A 53 -13.73 13.99 -20.38
CA ALA A 53 -12.58 14.73 -20.87
C ALA A 53 -11.58 14.88 -19.73
N PRO A 54 -10.26 15.08 -20.05
CA PRO A 54 -9.20 15.03 -18.99
C PRO A 54 -9.09 16.28 -18.11
N PHE A 55 -10.08 16.48 -17.25
CA PHE A 55 -10.03 17.58 -16.30
C PHE A 55 -8.97 17.29 -15.23
N VAL A 56 -8.16 18.31 -14.92
CA VAL A 56 -7.04 18.22 -13.97
C VAL A 56 -7.18 19.33 -12.94
N ALA A 57 -6.25 19.36 -11.99
CA ALA A 57 -6.17 20.41 -10.98
C ALA A 57 -4.77 21.01 -10.95
N LEU A 58 -4.71 22.34 -10.99
CA LEU A 58 -3.49 23.11 -10.75
C LEU A 58 -3.87 24.12 -9.66
N SER A 59 -3.66 23.74 -8.41
CA SER A 59 -4.03 24.58 -7.26
C SER A 59 -2.83 25.45 -6.91
N ARG A 60 -2.89 26.72 -7.30
CA ARG A 60 -1.85 27.69 -6.98
C ARG A 60 -2.41 28.79 -6.09
N ASP A 61 -1.62 29.20 -5.09
CA ASP A 61 -1.95 30.34 -4.23
C ASP A 61 -3.28 30.14 -3.52
N GLY A 62 -4.35 30.70 -4.08
CA GLY A 62 -5.68 30.45 -3.57
C GLY A 62 -6.09 28.99 -3.64
N GLU A 63 -5.35 28.18 -4.41
CA GLU A 63 -5.50 26.72 -4.51
C GLU A 63 -6.79 26.33 -5.25
N GLN A 64 -7.35 27.29 -5.97
CA GLN A 64 -8.44 27.17 -6.93
C GLN A 64 -7.91 26.69 -8.29
N PHE A 65 -8.63 27.03 -9.37
CA PHE A 65 -8.20 26.83 -10.77
C PHE A 65 -8.29 25.41 -11.37
N ILE A 66 -9.51 24.94 -11.62
CA ILE A 66 -9.76 23.78 -12.48
C ILE A 66 -9.36 24.09 -13.93
N ALA A 67 -8.61 23.19 -14.55
CA ALA A 67 -8.16 23.36 -15.92
C ALA A 67 -9.04 22.56 -16.87
N VAL A 68 -9.50 23.20 -17.95
CA VAL A 68 -10.49 22.65 -18.85
C VAL A 68 -9.88 22.56 -20.24
N PRO A 69 -9.93 21.39 -20.89
CA PRO A 69 -9.47 21.32 -22.29
C PRO A 69 -10.26 22.29 -23.15
N ASN A 70 -9.58 22.99 -24.05
CA ASN A 70 -10.28 23.96 -24.86
C ASN A 70 -11.22 23.30 -25.86
N TYR A 71 -11.07 22.00 -26.09
CA TYR A 71 -11.83 21.34 -27.15
C TYR A 71 -13.17 20.78 -26.67
N VAL A 72 -13.56 21.00 -25.42
CA VAL A 72 -14.92 20.67 -25.02
C VAL A 72 -15.81 21.87 -25.35
N THR A 73 -16.89 21.60 -26.09
CA THR A 73 -17.64 22.69 -26.72
C THR A 73 -18.50 23.43 -25.70
N GLU A 74 -19.46 22.74 -25.12
CA GLU A 74 -20.33 23.36 -24.15
C GLU A 74 -19.68 23.37 -22.78
N PHE A 75 -20.12 24.28 -21.92
CA PHE A 75 -19.61 24.29 -20.56
C PHE A 75 -20.52 25.02 -19.59
N PRO A 76 -20.87 24.39 -18.47
CA PRO A 76 -21.81 25.02 -17.52
C PRO A 76 -21.22 26.21 -16.75
N VAL A 77 -19.93 26.16 -16.40
CA VAL A 77 -19.21 27.24 -15.72
C VAL A 77 -19.66 27.39 -14.26
N ASP A 78 -20.96 27.45 -14.00
CA ASP A 78 -21.49 27.50 -12.63
C ASP A 78 -22.07 26.15 -12.28
N HIS A 79 -21.65 25.58 -11.14
CA HIS A 79 -21.95 24.18 -10.83
C HIS A 79 -22.57 24.03 -9.45
N ARG A 80 -23.43 23.02 -9.36
CA ARG A 80 -24.41 22.89 -8.29
C ARG A 80 -23.83 22.12 -7.10
N VAL A 81 -24.71 21.71 -6.18
CA VAL A 81 -24.40 20.94 -4.98
C VAL A 81 -23.15 21.50 -4.32
N VAL A 82 -22.35 20.61 -3.72
CA VAL A 82 -21.06 20.96 -3.13
C VAL A 82 -21.24 22.11 -2.14
N ARG A 83 -22.39 22.13 -1.45
CA ARG A 83 -22.76 23.20 -0.52
C ARG A 83 -22.79 24.55 -1.22
N ALA A 84 -21.80 25.42 -0.96
CA ALA A 84 -21.75 26.75 -1.56
C ALA A 84 -21.34 26.62 -3.03
N MET A 85 -22.24 26.98 -3.95
CA MET A 85 -22.01 26.82 -5.38
C MET A 85 -20.75 27.56 -5.83
N VAL A 86 -20.28 27.19 -7.01
CA VAL A 86 -19.07 27.79 -7.55
C VAL A 86 -19.38 28.40 -8.91
N LYS A 87 -18.62 29.43 -9.24
CA LYS A 87 -18.59 30.01 -10.57
C LYS A 87 -17.20 29.76 -11.13
N LEU A 88 -17.12 29.56 -12.43
CA LEU A 88 -15.83 29.31 -13.07
C LEU A 88 -15.53 30.47 -14.02
N VAL A 89 -14.91 31.51 -13.47
CA VAL A 89 -14.41 32.64 -14.25
C VAL A 89 -13.17 32.16 -14.99
N PRO A 90 -13.16 32.17 -16.32
CA PRO A 90 -11.98 31.67 -17.06
C PRO A 90 -10.82 32.66 -16.93
N THR A 91 -9.72 32.19 -16.34
CA THR A 91 -8.50 33.01 -16.28
C THR A 91 -7.90 33.24 -17.67
N GLY A 92 -8.54 32.74 -18.72
CA GLY A 92 -8.11 33.09 -20.05
C GLY A 92 -6.77 32.46 -20.39
N GLU A 93 -6.12 33.06 -21.40
CA GLU A 93 -4.83 32.58 -21.85
C GLU A 93 -4.91 31.12 -22.26
N PRO A 94 -5.52 30.81 -23.40
CA PRO A 94 -5.52 29.42 -23.88
C PRO A 94 -4.11 28.88 -23.95
N LEU A 95 -3.90 27.67 -23.40
CA LEU A 95 -2.58 27.08 -23.22
C LEU A 95 -2.45 25.87 -24.14
N ASN A 96 -1.60 25.99 -25.16
CA ASN A 96 -1.35 24.90 -26.09
C ASN A 96 0.01 24.30 -25.73
N LEU A 97 -0.01 23.29 -24.85
CA LEU A 97 1.21 22.75 -24.30
C LEU A 97 1.94 21.88 -25.31
N ARG A 98 3.25 21.78 -25.11
CA ARG A 98 4.17 21.03 -25.94
C ARG A 98 4.75 19.91 -25.08
N PHE A 99 5.74 19.21 -25.63
CA PHE A 99 6.44 18.19 -24.85
C PHE A 99 7.94 18.27 -25.01
N ASP A 100 8.44 19.27 -25.75
CA ASP A 100 9.86 19.44 -26.02
C ASP A 100 10.51 20.50 -25.13
N ALA A 101 9.79 20.99 -24.12
CA ALA A 101 10.24 22.13 -23.33
C ALA A 101 11.12 21.69 -22.16
N ALA A 102 11.49 22.66 -21.34
CA ALA A 102 12.16 22.38 -20.09
C ALA A 102 11.11 22.02 -19.04
N ASP A 103 11.56 21.72 -17.82
CA ASP A 103 10.64 21.34 -16.75
C ASP A 103 9.78 22.54 -16.35
N ASP A 104 8.47 22.43 -16.55
CA ASP A 104 7.52 23.49 -16.26
C ASP A 104 6.59 23.11 -15.12
N GLU A 105 5.77 24.09 -14.72
CA GLU A 105 4.75 23.88 -13.70
C GLU A 105 3.44 23.36 -14.27
N TYR A 106 3.24 23.46 -15.58
CA TYR A 106 2.05 22.91 -16.21
C TYR A 106 2.17 21.42 -16.51
N ASP A 107 3.26 20.77 -16.09
CA ASP A 107 3.53 19.39 -16.50
C ASP A 107 2.51 18.43 -15.89
N GLY A 108 2.05 18.69 -14.66
CA GLY A 108 0.99 17.88 -14.11
C GLY A 108 -0.27 17.90 -14.96
N LEU A 109 -0.40 18.90 -15.82
CA LEU A 109 -1.44 18.92 -16.84
C LEU A 109 -1.09 17.97 -17.98
N ARG A 110 0.08 18.16 -18.59
CA ARG A 110 0.48 17.37 -19.75
C ARG A 110 0.36 15.88 -19.46
N LEU A 111 0.97 15.44 -18.34
CA LEU A 111 0.90 14.03 -17.95
C LEU A 111 -0.54 13.55 -17.94
N ARG A 112 -1.42 14.28 -17.27
CA ARG A 112 -2.82 13.88 -17.25
C ARG A 112 -3.34 13.71 -18.66
N TYR A 113 -3.15 14.73 -19.50
CA TYR A 113 -3.57 14.65 -20.90
C TYR A 113 -2.97 13.42 -21.56
N LEU A 114 -1.66 13.25 -21.43
CA LEU A 114 -1.01 12.10 -22.05
C LEU A 114 -1.71 10.79 -21.64
N ASP A 115 -1.85 10.58 -20.32
CA ASP A 115 -2.46 9.35 -19.83
C ASP A 115 -3.79 9.13 -20.53
N PHE A 116 -4.61 10.18 -20.54
CA PHE A 116 -5.97 10.06 -21.05
C PHE A 116 -5.98 9.64 -22.52
N VAL A 117 -5.10 10.21 -23.33
CA VAL A 117 -5.16 9.91 -24.76
C VAL A 117 -4.38 8.67 -25.11
N LEU A 118 -3.61 8.12 -24.18
CA LEU A 118 -2.98 6.86 -24.55
C LEU A 118 -3.96 5.71 -24.51
N GLN A 119 -5.04 5.84 -23.75
CA GLN A 119 -6.00 4.76 -23.66
C GLN A 119 -7.11 4.85 -24.71
N GLN A 120 -6.96 5.71 -25.74
CA GLN A 120 -7.89 5.68 -26.86
C GLN A 120 -7.55 4.55 -27.81
N PRO A 121 -6.31 4.45 -28.33
CA PRO A 121 -5.98 3.32 -29.21
C PRO A 121 -6.19 1.96 -28.56
N LEU A 122 -5.67 1.78 -27.35
CA LEU A 122 -5.77 0.48 -26.69
C LEU A 122 -7.23 0.10 -26.45
N PHE A 123 -8.09 1.11 -26.30
CA PHE A 123 -9.53 0.86 -26.18
C PHE A 123 -10.10 0.24 -27.43
N ALA A 124 -9.65 0.71 -28.60
CA ALA A 124 -10.14 0.21 -29.87
C ALA A 124 -9.64 -1.20 -30.15
N ASN A 125 -8.57 -1.65 -29.48
CA ASN A 125 -7.97 -2.91 -29.86
C ASN A 125 -8.92 -4.05 -29.50
N HIS A 126 -9.37 -4.76 -30.54
CA HIS A 126 -10.31 -5.84 -30.39
C HIS A 126 -9.77 -6.96 -29.52
N HIS A 127 -8.46 -7.09 -29.38
CA HIS A 127 -7.88 -8.17 -28.61
C HIS A 127 -7.62 -7.83 -27.15
N LEU A 128 -7.74 -6.56 -26.76
CA LEU A 128 -7.51 -6.12 -25.39
C LEU A 128 -8.80 -5.63 -24.76
N TRP A 129 -8.77 -5.52 -23.44
CA TRP A 129 -9.90 -4.98 -22.69
C TRP A 129 -9.38 -4.42 -21.37
N GLN A 130 -10.19 -3.55 -20.76
CA GLN A 130 -9.78 -2.83 -19.55
C GLN A 130 -10.88 -2.91 -18.50
N PRO A 131 -10.59 -3.37 -17.28
CA PRO A 131 -11.65 -3.48 -16.29
C PRO A 131 -12.42 -2.19 -16.10
N GLY A 132 -11.72 -1.07 -16.09
CA GLY A 132 -12.29 0.26 -15.90
C GLY A 132 -11.22 1.29 -16.20
N SER A 133 -11.65 2.54 -16.28
CA SER A 133 -10.69 3.58 -16.60
C SER A 133 -9.60 3.64 -15.54
N GLY A 134 -8.34 3.69 -16.01
CA GLY A 134 -7.17 3.71 -15.17
C GLY A 134 -6.55 2.35 -14.88
N GLN A 135 -7.32 1.26 -15.01
CA GLN A 135 -6.84 -0.06 -14.66
C GLN A 135 -6.02 -0.63 -15.81
N PRO A 136 -5.34 -1.76 -15.64
CA PRO A 136 -4.44 -2.24 -16.70
C PRO A 136 -5.22 -2.83 -17.86
N PHE A 137 -4.53 -3.03 -18.98
CA PHE A 137 -5.13 -3.61 -20.17
C PHE A 137 -4.81 -5.11 -20.24
N PHE A 138 -5.85 -5.94 -20.24
CA PHE A 138 -5.72 -7.39 -20.27
C PHE A 138 -6.11 -7.92 -21.63
N HIS A 139 -5.40 -8.96 -22.08
CA HIS A 139 -5.82 -9.65 -23.29
C HIS A 139 -7.17 -10.32 -23.05
N LYS A 140 -8.02 -10.31 -24.09
CA LYS A 140 -9.24 -11.11 -24.08
C LYS A 140 -8.95 -12.61 -23.94
N LYS A 141 -7.87 -13.09 -24.54
CA LYS A 141 -7.55 -14.52 -24.46
C LYS A 141 -6.84 -14.82 -23.15
N PRO A 142 -7.35 -15.73 -22.32
CA PRO A 142 -6.68 -16.01 -21.04
C PRO A 142 -5.26 -16.50 -21.21
N LEU A 143 -4.41 -16.09 -20.27
CA LEU A 143 -3.06 -16.62 -20.25
C LEU A 143 -3.08 -18.11 -19.95
N LYS A 144 -3.92 -18.54 -19.00
CA LYS A 144 -3.93 -19.92 -18.55
C LYS A 144 -5.36 -20.33 -18.16
N ARG A 145 -5.67 -21.62 -18.34
CA ARG A 145 -6.89 -22.22 -17.80
C ARG A 145 -6.55 -23.00 -16.52
N LEU A 146 -6.97 -22.48 -15.37
CA LEU A 146 -6.83 -23.17 -14.10
C LEU A 146 -8.19 -23.74 -13.70
N ASP A 147 -8.55 -24.84 -14.36
CA ASP A 147 -9.79 -25.56 -14.08
C ASP A 147 -11.02 -24.69 -14.29
N ASP A 148 -11.75 -24.41 -13.21
CA ASP A 148 -12.96 -23.59 -13.25
C ASP A 148 -12.67 -22.09 -13.31
N VAL A 149 -11.41 -21.68 -13.45
CA VAL A 149 -11.04 -20.28 -13.38
C VAL A 149 -9.96 -20.01 -14.41
N ASP A 150 -9.94 -18.79 -14.92
CA ASP A 150 -8.98 -18.39 -15.94
C ASP A 150 -8.05 -17.33 -15.38
N LEU A 151 -6.77 -17.44 -15.72
CA LEU A 151 -5.77 -16.45 -15.36
C LEU A 151 -5.50 -15.55 -16.56
N TYR A 152 -5.77 -14.26 -16.39
CA TYR A 152 -5.64 -13.23 -17.42
C TYR A 152 -4.42 -12.38 -17.13
N ASP A 153 -3.64 -12.13 -18.18
CA ASP A 153 -2.45 -11.31 -18.15
C ASP A 153 -2.75 -9.93 -18.75
N GLY A 154 -2.22 -8.90 -18.12
CA GLY A 154 -2.37 -7.57 -18.66
C GLY A 154 -1.15 -6.76 -18.34
N VAL A 155 -1.21 -5.49 -18.74
CA VAL A 155 -0.15 -4.53 -18.48
C VAL A 155 -0.82 -3.22 -18.11
N SER A 156 -0.26 -2.53 -17.11
CA SER A 156 -0.74 -1.22 -16.70
C SER A 156 0.21 -0.16 -17.21
N VAL A 157 -0.34 0.96 -17.69
CA VAL A 157 0.43 1.99 -18.37
C VAL A 157 0.15 3.35 -17.73
N ARG A 158 1.21 4.04 -17.33
CA ARG A 158 1.10 5.44 -16.90
C ARG A 158 2.14 6.25 -17.66
N ALA A 159 1.84 7.52 -17.87
CA ALA A 159 2.77 8.44 -18.51
C ALA A 159 3.73 9.00 -17.47
N ALA A 160 4.94 9.33 -17.91
CA ALA A 160 5.94 9.80 -16.95
C ALA A 160 7.00 10.64 -17.65
N LYS A 161 7.80 11.33 -16.84
CA LYS A 161 8.91 12.16 -17.32
C LYS A 161 10.19 11.33 -17.46
N HIS A 162 10.86 11.47 -18.61
CA HIS A 162 12.12 10.76 -18.85
C HIS A 162 13.28 11.52 -18.21
N PRO A 163 14.10 10.88 -17.37
CA PRO A 163 15.19 11.61 -16.71
C PRO A 163 16.20 12.21 -17.69
N GLU A 164 16.36 11.64 -18.87
CA GLU A 164 17.18 12.23 -19.92
C GLU A 164 16.33 13.07 -20.86
N GLY A 165 15.59 14.02 -20.30
CA GLY A 165 14.72 14.90 -21.08
C GLY A 165 13.58 14.17 -21.75
N GLY A 166 12.55 14.91 -22.15
CA GLY A 166 11.44 14.31 -22.87
C GLY A 166 10.50 13.52 -21.96
N PHE A 167 9.77 12.60 -22.59
CA PHE A 167 8.65 11.90 -21.96
C PHE A 167 8.69 10.42 -22.31
N GLY A 168 8.04 9.61 -21.47
CA GLY A 168 8.00 8.19 -21.70
C GLY A 168 6.84 7.53 -21.02
N ILE A 169 6.89 6.20 -21.01
CA ILE A 169 5.83 5.37 -20.43
C ILE A 169 6.41 4.45 -19.37
N VAL A 170 5.72 4.31 -18.24
CA VAL A 170 6.06 3.26 -17.26
C VAL A 170 4.92 2.27 -17.25
N CYS A 171 5.26 0.99 -17.32
CA CYS A 171 4.25 -0.06 -17.32
C CYS A 171 4.74 -1.24 -16.52
N ASP A 172 3.77 -2.03 -16.07
CA ASP A 172 4.07 -3.25 -15.33
C ASP A 172 3.06 -4.32 -15.69
N ALA A 173 3.53 -5.58 -15.67
CA ALA A 173 2.65 -6.73 -15.84
C ALA A 173 1.70 -6.86 -14.63
N ARG A 174 0.59 -7.54 -14.88
CA ARG A 174 -0.52 -7.57 -13.94
C ARG A 174 -1.38 -8.81 -14.23
N SER A 175 -2.00 -9.37 -13.18
CA SER A 175 -2.76 -10.61 -13.32
C SER A 175 -4.16 -10.46 -12.73
N LYS A 176 -5.07 -11.34 -13.18
CA LYS A 176 -6.44 -11.33 -12.68
C LYS A 176 -7.11 -12.70 -12.88
N PHE A 177 -7.94 -13.13 -11.92
CA PHE A 177 -8.58 -14.45 -11.95
C PHE A 177 -10.09 -14.32 -12.17
N ILE A 178 -10.62 -14.98 -13.20
CA ILE A 178 -12.03 -14.83 -13.56
C ILE A 178 -12.63 -16.22 -13.81
N THR A 179 -13.79 -16.49 -13.23
CA THR A 179 -14.29 -17.85 -13.36
C THR A 179 -14.65 -18.16 -14.84
N HIS A 180 -14.36 -19.39 -15.24
CA HIS A 180 -14.33 -19.71 -16.66
C HIS A 180 -15.71 -19.66 -17.30
N THR A 181 -16.77 -20.19 -16.59
CA THR A 181 -18.12 -20.20 -17.13
C THR A 181 -18.92 -19.01 -16.59
N PRO A 182 -19.88 -18.50 -17.35
CA PRO A 182 -20.65 -17.35 -16.88
C PRO A 182 -21.59 -17.76 -15.77
N ILE A 183 -22.13 -16.76 -15.08
CA ILE A 183 -23.16 -17.01 -14.07
C ILE A 183 -24.32 -17.75 -14.68
N GLY A 184 -24.79 -17.29 -15.84
CA GLY A 184 -25.71 -18.01 -16.70
C GLY A 184 -27.17 -17.57 -16.53
N ALA A 185 -27.98 -17.95 -17.53
CA ALA A 185 -29.38 -17.58 -17.57
C ALA A 185 -30.23 -18.40 -16.61
N ARG A 186 -29.81 -19.62 -16.27
CA ARG A 186 -30.67 -20.47 -15.46
C ARG A 186 -30.60 -20.16 -13.97
N ALA A 187 -29.62 -19.36 -13.53
CA ALA A 187 -29.49 -19.02 -12.11
C ALA A 187 -30.69 -18.21 -11.63
N ASP A 188 -31.27 -18.63 -10.50
CA ASP A 188 -32.57 -18.15 -10.04
C ASP A 188 -32.43 -16.87 -9.21
N ARG A 189 -33.56 -16.41 -8.67
CA ARG A 189 -33.59 -15.15 -7.93
C ARG A 189 -32.69 -15.19 -6.70
N LYS A 190 -32.85 -16.23 -5.86
CA LYS A 190 -32.07 -16.32 -4.61
C LYS A 190 -30.58 -16.39 -4.90
N ARG A 191 -30.20 -17.12 -5.96
CA ARG A 191 -28.78 -17.32 -6.26
C ARG A 191 -28.11 -16.04 -6.73
N LEU A 192 -28.77 -15.30 -7.64
CA LEU A 192 -28.25 -14.00 -8.03
C LEU A 192 -28.15 -13.06 -6.83
N GLY A 193 -29.19 -13.03 -5.99
CA GLY A 193 -29.13 -12.20 -4.80
C GLY A 193 -27.96 -12.54 -3.90
N LYS A 194 -27.60 -13.82 -3.82
CA LYS A 194 -26.46 -14.12 -2.96
C LYS A 194 -25.10 -13.60 -3.56
N LEU A 195 -25.07 -12.69 -4.56
CA LEU A 195 -23.85 -12.25 -5.23
C LEU A 195 -23.65 -10.74 -5.12
N ILE A 196 -24.44 -10.06 -4.31
CA ILE A 196 -24.33 -8.60 -4.22
C ILE A 196 -22.91 -8.24 -3.80
N ASN A 197 -22.44 -7.10 -4.30
CA ASN A 197 -21.14 -6.51 -4.06
C ASN A 197 -19.97 -7.36 -4.58
N ARG A 198 -20.24 -8.52 -5.19
CA ARG A 198 -19.24 -9.20 -6.00
C ARG A 198 -19.02 -8.43 -7.31
N SER A 199 -17.87 -8.65 -7.92
CA SER A 199 -17.57 -7.95 -9.18
C SER A 199 -17.42 -8.95 -10.32
N CYS A 200 -17.88 -8.56 -11.49
CA CYS A 200 -17.82 -9.47 -12.62
C CYS A 200 -17.36 -8.75 -13.88
N LEU A 201 -16.81 -9.57 -14.78
CA LEU A 201 -16.47 -9.20 -16.13
C LEU A 201 -17.69 -9.41 -17.01
N TYR A 202 -18.12 -8.35 -17.71
CA TYR A 202 -19.28 -8.35 -18.60
C TYR A 202 -18.77 -8.34 -20.04
N LYS A 203 -19.09 -9.40 -20.78
CA LYS A 203 -18.70 -9.51 -22.20
C LYS A 203 -19.84 -8.99 -23.05
N MET A 204 -19.94 -7.66 -23.14
CA MET A 204 -21.03 -7.06 -23.90
C MET A 204 -20.58 -6.99 -25.34
N GLY A 205 -20.77 -8.10 -26.05
CA GLY A 205 -20.24 -8.21 -27.40
C GLY A 205 -18.75 -8.00 -27.37
N ASP A 206 -18.26 -7.17 -28.29
CA ASP A 206 -16.82 -6.93 -28.34
C ASP A 206 -16.34 -5.97 -27.28
N HIS A 207 -17.20 -5.46 -26.41
CA HIS A 207 -16.80 -4.49 -25.41
C HIS A 207 -16.89 -5.15 -24.04
N TRP A 208 -15.73 -5.42 -23.43
CA TRP A 208 -15.67 -6.12 -22.15
C TRP A 208 -15.29 -5.15 -21.04
N TYR A 209 -16.04 -5.13 -19.95
CA TYR A 209 -15.61 -4.28 -18.84
C TYR A 209 -16.02 -4.89 -17.51
N GLN A 210 -15.55 -4.30 -16.43
CA GLN A 210 -15.75 -4.86 -15.09
C GLN A 210 -16.70 -3.96 -14.31
N PHE A 211 -17.60 -4.57 -13.53
CA PHE A 211 -18.48 -3.77 -12.67
C PHE A 211 -18.83 -4.54 -11.40
N ARG A 212 -19.23 -3.77 -10.39
CA ARG A 212 -19.61 -4.32 -9.09
C ARG A 212 -21.11 -4.51 -9.06
N ILE A 213 -21.55 -5.68 -8.62
CA ILE A 213 -22.98 -6.00 -8.65
C ILE A 213 -23.65 -5.33 -7.46
N ASP A 214 -24.79 -4.69 -7.71
CA ASP A 214 -25.51 -4.00 -6.65
C ASP A 214 -26.84 -4.64 -6.30
N ALA A 215 -27.60 -5.14 -7.28
CA ALA A 215 -28.93 -5.65 -7.01
C ALA A 215 -29.34 -6.54 -8.17
N VAL A 216 -30.36 -7.36 -7.92
CA VAL A 216 -30.94 -8.20 -8.95
C VAL A 216 -32.10 -7.44 -9.59
N SER A 217 -32.07 -7.32 -10.92
CA SER A 217 -33.18 -6.66 -11.60
C SER A 217 -34.49 -7.36 -11.29
N ASP A 218 -35.54 -6.55 -11.06
CA ASP A 218 -36.87 -7.13 -10.95
C ASP A 218 -37.25 -7.83 -12.24
N TRP A 219 -36.75 -7.34 -13.37
CA TRP A 219 -37.18 -7.79 -14.68
C TRP A 219 -36.14 -8.72 -15.32
N LYS A 220 -36.63 -9.60 -16.17
CA LYS A 220 -35.75 -10.48 -16.90
C LYS A 220 -35.24 -9.80 -18.18
N VAL A 221 -34.41 -10.54 -18.90
CA VAL A 221 -33.85 -10.02 -20.15
C VAL A 221 -34.96 -9.80 -21.17
N GLY A 222 -35.91 -10.74 -21.26
CA GLY A 222 -36.99 -10.60 -22.21
C GLY A 222 -38.14 -9.73 -21.77
N GLU A 223 -38.44 -9.67 -20.47
CA GLU A 223 -39.51 -8.80 -20.03
C GLU A 223 -39.07 -7.34 -20.15
N PRO A 224 -39.96 -6.45 -20.57
CA PRO A 224 -39.60 -5.03 -20.66
C PRO A 224 -39.23 -4.45 -19.29
N SER A 225 -38.11 -3.71 -19.28
CA SER A 225 -37.57 -3.15 -18.04
C SER A 225 -37.26 -1.67 -18.19
N LEU A 226 -36.95 -1.23 -19.40
CA LEU A 226 -36.60 0.17 -19.60
C LEU A 226 -37.33 0.71 -20.82
N PHE A 227 -37.04 1.95 -21.22
CA PHE A 227 -37.81 2.59 -22.28
C PHE A 227 -36.89 3.09 -23.39
N GLU A 228 -37.21 2.72 -24.64
CA GLU A 228 -36.59 3.33 -25.82
C GLU A 228 -37.51 4.48 -26.23
N GLY A 229 -37.28 5.62 -25.57
CA GLY A 229 -38.11 6.79 -25.70
C GLY A 229 -39.35 6.70 -24.82
N ASN A 230 -40.37 5.98 -25.27
CA ASN A 230 -41.56 5.82 -24.46
C ASN A 230 -42.21 4.46 -24.64
N VAL A 231 -41.55 3.54 -25.31
CA VAL A 231 -42.05 2.19 -25.49
C VAL A 231 -41.38 1.31 -24.43
N PRO A 232 -42.15 0.47 -23.72
CA PRO A 232 -41.51 -0.53 -22.85
C PRO A 232 -40.66 -1.48 -23.68
N ILE A 233 -39.41 -1.64 -23.26
CA ILE A 233 -38.38 -2.30 -24.05
C ILE A 233 -37.62 -3.29 -23.17
N SER A 234 -37.38 -4.48 -23.70
CA SER A 234 -36.64 -5.46 -22.91
C SER A 234 -35.15 -5.16 -22.95
N LEU A 235 -34.43 -5.76 -22.01
CA LEU A 235 -32.98 -5.72 -22.07
C LEU A 235 -32.45 -6.34 -23.36
N ALA A 236 -33.08 -7.44 -23.80
CA ALA A 236 -32.68 -8.04 -25.07
C ALA A 236 -32.86 -7.06 -26.22
N GLN A 237 -33.97 -6.32 -26.21
CA GLN A 237 -34.21 -5.32 -27.25
C GLN A 237 -33.15 -4.24 -27.22
N GLN A 238 -32.82 -3.75 -26.02
CA GLN A 238 -31.81 -2.71 -25.87
C GLN A 238 -30.46 -3.16 -26.44
N LEU A 239 -30.04 -4.39 -26.09
CA LEU A 239 -28.75 -4.87 -26.55
C LEU A 239 -28.73 -5.09 -28.06
N VAL A 240 -29.85 -5.55 -28.64
CA VAL A 240 -29.92 -5.64 -30.09
C VAL A 240 -29.80 -4.26 -30.72
N ARG A 241 -30.46 -3.27 -30.10
CA ARG A 241 -30.47 -1.92 -30.65
C ARG A 241 -29.06 -1.37 -30.83
N THR A 242 -28.14 -1.68 -29.90
CA THR A 242 -26.84 -1.03 -29.85
C THR A 242 -25.69 -1.97 -30.25
N ALA A 243 -25.94 -2.97 -31.08
CA ALA A 243 -24.87 -3.86 -31.49
C ALA A 243 -24.32 -3.45 -32.85
N GLY A 244 -23.07 -3.82 -33.10
CA GLY A 244 -22.44 -3.39 -34.34
C GLY A 244 -22.28 -4.41 -35.47
N ASN A 245 -23.14 -4.33 -36.48
CA ASN A 245 -22.77 -4.87 -37.77
C ASN A 245 -22.52 -6.38 -37.76
N ALA A 246 -21.33 -6.80 -37.37
CA ALA A 246 -21.01 -8.21 -37.32
C ALA A 246 -21.05 -8.70 -35.88
N ALA A 247 -22.19 -8.46 -35.26
CA ALA A 247 -22.27 -8.62 -33.82
C ALA A 247 -22.18 -10.10 -33.47
N PRO A 248 -21.53 -10.44 -32.38
CA PRO A 248 -21.46 -11.84 -31.95
C PRO A 248 -22.83 -12.34 -31.60
N LYS A 249 -23.05 -13.64 -31.84
CA LYS A 249 -24.35 -14.26 -31.53
C LYS A 249 -24.74 -14.04 -30.08
N SER A 250 -23.78 -14.00 -29.16
CA SER A 250 -24.12 -14.00 -27.74
C SER A 250 -24.90 -12.75 -27.32
N ILE A 251 -24.62 -11.60 -27.94
CA ILE A 251 -25.30 -10.35 -27.59
C ILE A 251 -26.64 -10.20 -28.30
N ILE A 252 -26.91 -11.00 -29.33
CA ILE A 252 -28.18 -10.87 -30.02
C ILE A 252 -29.06 -12.11 -29.90
N ASP A 253 -28.64 -13.13 -29.15
CA ASP A 253 -29.42 -14.37 -28.97
C ASP A 253 -29.51 -14.74 -27.50
N LEU A 254 -29.85 -13.77 -26.65
CA LEU A 254 -29.90 -14.03 -25.21
C LEU A 254 -31.12 -14.87 -24.85
N ASP A 255 -30.96 -15.72 -23.84
CA ASP A 255 -32.09 -16.42 -23.24
C ASP A 255 -32.95 -15.38 -22.55
N PRO A 256 -34.24 -15.27 -22.89
CA PRO A 256 -35.06 -14.18 -22.33
C PRO A 256 -35.53 -14.44 -20.92
N GLU A 257 -35.49 -15.67 -20.44
CA GLU A 257 -35.83 -15.97 -19.05
C GLU A 257 -34.65 -15.79 -18.11
N GLY A 258 -33.47 -15.47 -18.65
CA GLY A 258 -32.34 -15.18 -17.79
C GLY A 258 -32.55 -13.92 -16.97
N GLY A 259 -31.83 -13.84 -15.85
CA GLY A 259 -31.87 -12.68 -14.99
C GLY A 259 -30.87 -11.62 -15.41
N ALA A 260 -30.93 -10.50 -14.71
CA ALA A 260 -30.03 -9.40 -14.98
C ALA A 260 -29.50 -8.81 -13.69
N LEU A 261 -28.20 -8.53 -13.67
CA LEU A 261 -27.56 -7.81 -12.58
C LEU A 261 -27.71 -6.31 -12.80
N GLU A 262 -27.69 -5.56 -11.71
CA GLU A 262 -27.82 -4.11 -11.77
C GLU A 262 -26.57 -3.45 -11.19
N TYR A 263 -26.13 -2.34 -11.80
CA TYR A 263 -24.90 -1.69 -11.38
C TYR A 263 -25.02 -0.17 -11.57
N PHE A 264 -24.02 0.54 -11.05
CA PHE A 264 -23.96 1.99 -11.13
C PHE A 264 -22.73 2.42 -11.92
N THR A 265 -22.86 3.56 -12.59
CA THR A 265 -21.79 4.07 -13.44
C THR A 265 -20.89 5.03 -12.66
N SER A 266 -19.79 5.42 -13.31
CA SER A 266 -19.03 6.57 -12.86
C SER A 266 -19.96 7.76 -12.70
N THR A 267 -20.83 7.99 -13.68
CA THR A 267 -21.86 9.03 -13.63
C THR A 267 -22.99 8.70 -12.66
N ASN A 268 -22.87 7.61 -11.91
CA ASN A 268 -23.80 7.26 -10.82
C ASN A 268 -25.22 6.99 -11.32
N GLU A 269 -25.36 6.28 -12.45
CA GLU A 269 -26.66 5.90 -12.96
C GLU A 269 -26.76 4.38 -13.12
N ARG A 270 -28.00 3.89 -13.11
CA ARG A 270 -28.29 2.47 -12.93
C ARG A 270 -28.48 1.77 -14.28
N ARG A 271 -27.76 0.66 -14.46
CA ARG A 271 -27.77 -0.11 -15.69
C ARG A 271 -27.95 -1.59 -15.36
N MET A 272 -28.38 -2.37 -16.36
CA MET A 272 -28.55 -3.80 -16.21
C MET A 272 -27.59 -4.54 -17.15
N ALA A 273 -27.18 -5.73 -16.73
CA ALA A 273 -26.39 -6.64 -17.55
C ALA A 273 -26.98 -8.04 -17.49
N PRO A 274 -27.11 -8.75 -18.61
CA PRO A 274 -27.62 -10.13 -18.55
C PRO A 274 -26.62 -11.05 -17.88
N ALA A 275 -27.02 -11.66 -16.76
CA ALA A 275 -26.20 -12.65 -16.07
C ALA A 275 -25.66 -13.74 -16.98
N GLU A 276 -26.32 -13.99 -18.12
CA GLU A 276 -25.81 -14.99 -19.05
C GLU A 276 -24.44 -14.62 -19.63
N LEU A 277 -24.08 -13.33 -19.58
CA LEU A 277 -22.81 -12.84 -20.10
C LEU A 277 -21.92 -12.26 -18.99
N CYS A 278 -22.11 -12.67 -17.74
CA CYS A 278 -21.32 -12.13 -16.62
C CYS A 278 -20.50 -13.22 -15.97
N PHE A 279 -19.21 -12.91 -15.75
CA PHE A 279 -18.22 -13.85 -15.24
C PHE A 279 -17.61 -13.29 -13.95
N LEU A 280 -17.82 -13.98 -12.83
CA LEU A 280 -17.36 -13.48 -11.55
C LEU A 280 -15.85 -13.32 -11.50
N ILE A 281 -15.39 -12.21 -10.92
CA ILE A 281 -13.99 -12.12 -10.55
C ILE A 281 -13.78 -12.88 -9.26
N GLU A 282 -12.82 -13.81 -9.27
CA GLU A 282 -12.39 -14.52 -8.08
C GLU A 282 -11.35 -13.69 -7.34
N ASP A 283 -11.49 -13.61 -6.01
CA ASP A 283 -10.49 -12.97 -5.15
C ASP A 283 -9.53 -14.06 -4.68
N THR A 284 -8.27 -13.99 -5.10
CA THR A 284 -7.28 -14.96 -4.64
C THR A 284 -6.78 -14.68 -3.24
N HIS A 285 -6.95 -13.45 -2.73
CA HIS A 285 -6.75 -13.22 -1.30
C HIS A 285 -7.83 -13.92 -0.48
N GLY A 286 -9.03 -14.08 -1.05
CA GLY A 286 -10.03 -14.96 -0.48
C GLY A 286 -9.87 -16.40 -0.95
N ARG A 287 -10.57 -17.31 -0.27
CA ARG A 287 -10.49 -18.75 -0.50
C ARG A 287 -9.13 -19.31 -0.10
N ARG A 288 -8.25 -18.43 0.38
CA ARG A 288 -6.82 -18.69 0.58
C ARG A 288 -6.29 -19.58 -0.56
N ALA A 289 -6.63 -19.18 -1.79
CA ALA A 289 -6.21 -19.91 -2.98
C ALA A 289 -4.77 -19.54 -3.30
N ALA A 290 -3.91 -19.81 -2.31
CA ALA A 290 -2.50 -19.45 -2.41
C ALA A 290 -1.74 -20.33 -3.39
N LYS A 291 -2.30 -21.49 -3.75
CA LYS A 291 -1.76 -22.20 -4.90
C LYS A 291 -2.13 -21.50 -6.19
N LEU A 292 -3.31 -20.87 -6.24
CA LEU A 292 -3.64 -19.99 -7.35
C LEU A 292 -2.76 -18.76 -7.34
N GLN A 293 -2.48 -18.23 -6.16
CA GLN A 293 -1.81 -16.93 -6.12
C GLN A 293 -0.34 -17.01 -6.51
N ARG A 294 0.31 -18.16 -6.35
CA ARG A 294 1.71 -18.23 -6.79
C ARG A 294 1.82 -17.91 -8.28
N GLN A 295 0.83 -18.34 -9.07
CA GLN A 295 0.79 -18.08 -10.49
C GLN A 295 0.85 -16.59 -10.81
N THR A 296 0.50 -15.76 -9.85
CA THR A 296 0.44 -14.32 -10.00
C THR A 296 1.78 -13.64 -9.74
N ILE A 297 2.76 -14.39 -9.22
CA ILE A 297 4.05 -13.88 -8.79
C ILE A 297 5.10 -14.29 -9.82
N LEU A 298 5.78 -13.32 -10.40
CA LEU A 298 6.56 -13.53 -11.61
C LEU A 298 8.06 -13.51 -11.32
N SER A 299 8.79 -14.41 -12.00
CA SER A 299 10.24 -14.28 -12.00
C SER A 299 10.62 -13.03 -12.81
N PRO A 300 11.78 -12.44 -12.53
CA PRO A 300 12.17 -11.24 -13.30
C PRO A 300 12.24 -11.47 -14.79
N SER A 301 12.75 -12.63 -15.20
CA SER A 301 12.70 -12.99 -16.62
C SER A 301 11.27 -12.95 -17.13
N GLU A 302 10.35 -13.52 -16.36
CA GLU A 302 8.96 -13.53 -16.81
C GLU A 302 8.42 -12.13 -16.91
N ARG A 303 8.67 -11.29 -15.89
CA ARG A 303 8.07 -9.96 -15.87
C ARG A 303 8.60 -9.12 -17.03
N ARG A 304 9.92 -9.15 -17.24
CA ARG A 304 10.48 -8.40 -18.35
C ARG A 304 9.96 -8.93 -19.69
N ALA A 305 9.88 -10.24 -19.85
CA ALA A 305 9.36 -10.78 -21.11
C ALA A 305 7.96 -10.26 -21.37
N ARG A 306 7.09 -10.36 -20.37
CA ARG A 306 5.69 -9.97 -20.57
C ARG A 306 5.55 -8.47 -20.88
N VAL A 307 6.24 -7.62 -20.12
CA VAL A 307 6.14 -6.18 -20.36
C VAL A 307 6.70 -5.82 -21.74
N ASN A 308 7.92 -6.29 -22.06
CA ASN A 308 8.52 -5.96 -23.35
C ASN A 308 7.66 -6.46 -24.50
N GLY A 309 7.14 -7.68 -24.40
CA GLY A 309 6.28 -8.19 -25.43
C GLY A 309 5.06 -7.32 -25.63
N PHE A 310 4.46 -6.87 -24.53
CA PHE A 310 3.28 -6.02 -24.67
C PHE A 310 3.63 -4.72 -25.38
N ILE A 311 4.82 -4.17 -25.07
CA ILE A 311 5.26 -2.92 -25.69
C ILE A 311 5.42 -3.09 -27.19
N ARG A 312 6.11 -4.16 -27.61
CA ARG A 312 6.35 -4.38 -29.03
C ARG A 312 5.12 -4.86 -29.78
N ARG A 313 4.10 -5.32 -29.07
CA ARG A 313 2.94 -5.83 -29.77
C ARG A 313 1.85 -4.77 -29.93
N TYR A 314 1.66 -3.91 -28.92
CA TYR A 314 0.55 -2.97 -28.94
C TYR A 314 0.94 -1.50 -28.81
N LEU A 315 2.23 -1.17 -28.75
CA LEU A 315 2.60 0.22 -28.54
C LEU A 315 3.62 0.72 -29.55
N SER A 316 3.81 -0.02 -30.66
CA SER A 316 4.68 0.41 -31.74
C SER A 316 4.01 1.47 -32.61
N GLU A 317 2.72 1.33 -32.85
CA GLU A 317 1.99 2.25 -33.71
C GLU A 317 0.70 2.64 -33.03
N LEU A 318 0.45 3.94 -32.98
CA LEU A 318 -0.59 4.48 -32.11
C LEU A 318 -0.93 5.87 -32.59
N ASN A 319 -2.17 6.08 -33.03
CA ASN A 319 -2.57 7.38 -33.54
C ASN A 319 -3.69 7.94 -32.69
N ILE A 320 -3.52 9.20 -32.29
CA ILE A 320 -4.55 9.97 -31.61
C ILE A 320 -4.79 11.18 -32.50
N GLY A 321 -5.75 11.05 -33.41
CA GLY A 321 -5.94 12.10 -34.41
C GLY A 321 -4.71 12.20 -35.29
N GLY A 322 -4.25 13.42 -35.50
CA GLY A 322 -3.17 13.66 -36.46
C GLY A 322 -1.80 13.21 -36.01
N ALA A 323 -1.64 12.78 -34.76
CA ALA A 323 -0.34 12.46 -34.21
C ALA A 323 -0.05 10.96 -34.28
N LYS A 324 1.23 10.64 -34.47
CA LYS A 324 1.71 9.27 -34.65
C LYS A 324 2.85 9.02 -33.67
N LEU A 325 2.70 8.00 -32.82
CA LEU A 325 3.56 7.81 -31.64
C LEU A 325 4.15 6.41 -31.61
N SER A 326 5.27 6.28 -30.90
CA SER A 326 6.01 5.02 -30.77
C SER A 326 6.39 4.80 -29.31
N ALA A 327 7.03 3.67 -29.03
CA ALA A 327 7.58 3.39 -27.70
C ALA A 327 8.87 2.60 -27.86
N GLY A 328 9.97 3.15 -27.36
CA GLY A 328 11.32 2.63 -27.58
C GLY A 328 11.46 1.13 -27.53
N ALA A 329 12.33 0.59 -28.39
CA ALA A 329 12.53 -0.86 -28.46
C ALA A 329 13.04 -1.41 -27.13
N ARG A 330 14.04 -0.76 -26.55
CA ARG A 330 14.61 -1.19 -25.28
C ARG A 330 14.40 -0.09 -24.25
N ALA A 331 14.15 -0.50 -23.01
CA ALA A 331 13.80 0.43 -21.94
C ALA A 331 15.03 1.24 -21.49
N HIS A 332 14.76 2.29 -20.71
CA HIS A 332 15.85 3.08 -20.15
C HIS A 332 16.68 2.23 -19.19
N ALA A 333 17.99 2.20 -19.42
CA ALA A 333 18.91 1.44 -18.60
C ALA A 333 20.06 2.34 -18.20
N PHE A 334 20.76 1.98 -17.12
CA PHE A 334 21.85 2.81 -16.63
C PHE A 334 22.80 1.96 -15.79
N PHE A 335 23.88 2.60 -15.36
CA PHE A 335 24.85 2.15 -14.37
C PHE A 335 24.55 2.91 -13.08
N THR A 336 24.91 2.34 -11.94
CA THR A 336 24.78 3.07 -10.67
C THR A 336 25.62 2.43 -9.59
N GLU A 337 25.80 3.19 -8.51
CA GLU A 337 26.43 2.69 -7.28
C GLU A 337 25.30 2.40 -6.29
N THR A 338 24.91 1.15 -6.27
CA THR A 338 24.16 0.55 -5.19
C THR A 338 24.63 1.04 -3.82
N HIS A 339 23.67 1.45 -2.98
CA HIS A 339 24.00 1.73 -1.58
C HIS A 339 24.38 0.46 -0.85
N MET A 340 25.42 0.58 -0.02
CA MET A 340 25.86 -0.45 0.92
C MET A 340 25.06 -0.33 2.22
N PRO A 341 24.70 -1.44 2.85
CA PRO A 341 23.91 -1.36 4.07
C PRO A 341 24.69 -0.67 5.17
N PRO A 342 24.01 0.00 6.10
CA PRO A 342 24.70 0.77 7.13
C PRO A 342 25.34 -0.13 8.16
N ALA A 343 26.44 0.33 8.74
CA ALA A 343 27.05 -0.35 9.88
C ALA A 343 26.11 -0.32 11.08
N LEU A 344 26.09 -1.42 11.85
CA LEU A 344 25.11 -1.57 12.91
C LEU A 344 25.76 -1.79 14.26
N SER A 345 25.13 -1.28 15.30
CA SER A 345 25.68 -1.33 16.65
C SER A 345 24.90 -2.35 17.46
N PHE A 346 25.60 -3.35 18.00
CA PHE A 346 24.94 -4.36 18.82
C PHE A 346 25.37 -4.17 20.27
N GLY A 347 25.02 -5.14 21.12
CA GLY A 347 25.47 -5.11 22.49
C GLY A 347 26.97 -5.30 22.66
N ASN A 348 27.45 -4.87 23.84
CA ASN A 348 28.86 -5.02 24.24
C ASN A 348 29.84 -4.48 23.19
N GLY A 349 29.57 -3.28 22.68
CA GLY A 349 30.54 -2.59 21.87
C GLY A 349 30.72 -3.10 20.46
N THR A 350 29.92 -4.07 20.04
CA THR A 350 30.15 -4.82 18.81
C THR A 350 29.49 -4.14 17.61
N VAL A 351 30.18 -4.14 16.47
CA VAL A 351 29.65 -3.51 15.26
C VAL A 351 29.68 -4.49 14.09
N LEU A 352 28.63 -4.41 13.28
CA LEU A 352 28.46 -5.17 12.04
C LEU A 352 28.59 -4.20 10.89
N ALA A 353 29.53 -4.49 9.97
CA ALA A 353 29.73 -3.77 8.74
C ALA A 353 29.77 -4.76 7.58
N PRO A 354 29.22 -4.39 6.42
CA PRO A 354 29.36 -5.26 5.25
C PRO A 354 30.81 -5.35 4.79
N ASP A 355 31.14 -6.48 4.17
CA ASP A 355 32.47 -6.67 3.61
C ASP A 355 32.53 -6.03 2.22
N THR A 356 33.37 -5.00 2.08
CA THR A 356 33.56 -4.39 0.76
C THR A 356 34.40 -5.24 -0.19
N SER A 357 35.18 -6.19 0.34
CA SER A 357 35.99 -7.10 -0.48
C SER A 357 35.21 -8.35 -0.91
N LYS A 358 33.89 -8.35 -0.78
CA LYS A 358 33.02 -9.36 -1.38
C LYS A 358 32.17 -8.72 -2.45
N ASP A 359 31.74 -9.54 -3.41
CA ASP A 359 30.69 -9.10 -4.31
C ASP A 359 29.45 -8.80 -3.50
N ARG A 360 28.71 -7.77 -3.93
CA ARG A 360 27.63 -7.22 -3.13
C ARG A 360 26.68 -8.31 -2.65
N PHE A 361 26.28 -9.23 -3.54
CA PHE A 361 25.36 -10.31 -3.19
C PHE A 361 25.78 -11.03 -1.92
N GLN A 362 26.97 -11.62 -1.97
CA GLN A 362 27.45 -12.44 -0.87
C GLN A 362 27.62 -11.62 0.39
N ALA A 363 28.10 -10.37 0.23
CA ALA A 363 28.25 -9.47 1.36
C ALA A 363 26.92 -9.20 2.04
N MET A 364 25.86 -8.94 1.26
CA MET A 364 24.53 -8.71 1.85
C MET A 364 24.00 -9.96 2.52
N GLN A 365 24.16 -11.12 1.90
CA GLN A 365 23.66 -12.35 2.52
C GLN A 365 24.30 -12.54 3.89
N GLU A 366 25.63 -12.35 3.95
CA GLU A 366 26.37 -12.53 5.19
C GLU A 366 25.98 -11.48 6.24
N TYR A 367 25.81 -10.23 5.84
CA TYR A 367 25.37 -9.19 6.76
C TYR A 367 23.98 -9.50 7.33
N SER A 368 23.04 -9.88 6.46
CA SER A 368 21.67 -10.12 6.93
C SER A 368 21.61 -11.29 7.89
N SER A 369 22.29 -12.41 7.57
CA SER A 369 22.34 -13.53 8.52
C SER A 369 23.01 -13.10 9.82
N MET A 370 24.02 -12.23 9.71
CA MET A 370 24.77 -11.80 10.88
C MET A 370 23.89 -10.98 11.80
N ARG A 371 22.86 -10.30 11.28
CA ARG A 371 21.99 -9.56 12.20
C ARG A 371 21.34 -10.49 13.22
N ARG A 372 20.81 -11.62 12.74
CA ARG A 372 20.23 -12.60 13.67
C ARG A 372 21.30 -13.25 14.55
N THR A 373 22.38 -13.76 13.94
CA THR A 373 23.31 -14.51 14.78
C THR A 373 23.88 -13.62 15.89
N MET A 374 24.26 -12.38 15.55
CA MET A 374 24.81 -11.47 16.56
C MET A 374 23.79 -11.12 17.64
N MET A 375 22.51 -10.88 17.26
CA MET A 375 21.51 -10.68 18.30
C MET A 375 21.47 -11.86 19.28
N LEU A 376 21.62 -13.09 18.78
CA LEU A 376 21.42 -14.27 19.64
C LEU A 376 22.63 -14.61 20.50
N ASP A 377 23.82 -14.19 20.11
CA ASP A 377 25.04 -14.60 20.78
C ASP A 377 25.16 -13.92 22.15
N LYS A 378 25.26 -14.73 23.22
CA LYS A 378 25.31 -14.11 24.55
C LYS A 378 26.57 -13.25 24.76
N LYS A 379 27.54 -13.31 23.86
CA LYS A 379 28.72 -12.46 24.00
C LYS A 379 28.57 -11.11 23.30
N VAL A 380 27.54 -10.94 22.47
CA VAL A 380 27.32 -9.61 21.88
C VAL A 380 25.89 -9.16 22.17
N GLY A 381 24.91 -9.85 21.58
CA GLY A 381 23.50 -9.68 21.93
C GLY A 381 22.90 -8.31 21.65
N PHE A 382 21.85 -8.00 22.42
CA PHE A 382 21.05 -6.81 22.14
C PHE A 382 21.82 -5.55 22.48
N PHE A 383 21.64 -4.51 21.64
CA PHE A 383 22.21 -3.21 21.94
C PHE A 383 21.76 -2.71 23.30
N HIS A 384 20.52 -3.00 23.67
CA HIS A 384 19.85 -2.46 24.85
C HIS A 384 19.53 -3.63 25.79
N GLN A 385 20.42 -3.87 26.77
CA GLN A 385 20.31 -4.99 27.71
C GLN A 385 20.04 -4.47 29.12
N ASP A 386 18.78 -4.53 29.55
CA ASP A 386 18.42 -4.21 30.93
C ASP A 386 17.30 -5.13 31.37
N VAL A 387 17.06 -5.21 32.70
CA VAL A 387 15.95 -6.05 33.20
C VAL A 387 14.63 -5.40 32.80
N PHE A 388 13.58 -6.23 32.78
CA PHE A 388 12.24 -5.82 32.38
C PHE A 388 11.49 -5.25 33.58
N PRO A 389 10.70 -4.19 33.41
CA PRO A 389 9.72 -3.84 34.43
C PRO A 389 8.72 -4.97 34.59
N PRO A 390 7.93 -4.94 35.65
CA PRO A 390 6.89 -5.97 35.81
C PRO A 390 6.03 -6.18 34.57
N GLN A 391 5.68 -7.46 34.34
CA GLN A 391 4.97 -7.91 33.14
C GLN A 391 3.79 -8.79 33.54
N THR A 392 2.77 -8.81 32.67
CA THR A 392 1.60 -9.65 32.85
C THR A 392 1.28 -10.39 31.56
N LEU A 393 0.98 -11.68 31.70
CA LEU A 393 0.54 -12.52 30.61
C LEU A 393 -0.90 -12.93 30.93
N LEU A 394 -1.83 -12.53 30.07
CA LEU A 394 -3.26 -12.63 30.33
C LEU A 394 -3.89 -13.57 29.31
N LEU A 395 -4.41 -14.71 29.80
CA LEU A 395 -4.83 -15.84 28.98
C LEU A 395 -6.32 -16.11 29.08
N PRO A 396 -6.92 -16.64 28.01
CA PRO A 396 -8.29 -17.16 28.11
C PRO A 396 -8.34 -18.33 29.09
N GLU A 397 -9.40 -18.37 29.89
CA GLU A 397 -9.54 -19.42 30.88
C GLU A 397 -9.53 -20.80 30.22
N SER A 398 -10.16 -20.92 29.04
CA SER A 398 -10.16 -22.21 28.34
C SER A 398 -8.76 -22.63 27.98
N VAL A 399 -7.90 -21.67 27.62
CA VAL A 399 -6.50 -22.02 27.35
C VAL A 399 -5.79 -22.39 28.66
N LYS A 400 -5.99 -21.59 29.71
CA LYS A 400 -5.25 -21.85 30.95
C LYS A 400 -5.56 -23.22 31.50
N LYS A 401 -6.76 -23.70 31.27
CA LYS A 401 -7.19 -25.01 31.73
C LYS A 401 -6.68 -26.13 30.85
N SER A 402 -6.14 -25.83 29.67
CA SER A 402 -5.64 -27.00 28.99
C SER A 402 -4.16 -26.91 28.67
N TRP A 403 -3.85 -26.20 27.61
CA TRP A 403 -2.52 -26.28 27.05
C TRP A 403 -1.76 -25.03 27.33
N GLY A 404 -2.43 -24.03 27.91
CA GLY A 404 -1.88 -22.78 28.35
C GLY A 404 -0.62 -22.92 29.18
N PRO A 405 -0.66 -23.72 30.25
CA PRO A 405 0.52 -23.75 31.14
C PRO A 405 1.78 -24.25 30.46
N ALA A 406 1.65 -25.25 29.57
CA ALA A 406 2.81 -25.73 28.82
C ALA A 406 3.32 -24.66 27.86
N PHE A 407 2.39 -23.97 27.17
CA PHE A 407 2.81 -22.89 26.30
C PHE A 407 3.52 -21.79 27.10
N ALA A 408 3.06 -21.50 28.30
CA ALA A 408 3.66 -20.41 29.07
C ALA A 408 5.08 -20.78 29.49
N SER A 409 5.26 -22.01 29.99
CA SER A 409 6.61 -22.45 30.37
C SER A 409 7.56 -22.29 29.19
N ASP A 410 7.15 -22.77 28.01
CA ASP A 410 8.03 -22.67 26.85
C ASP A 410 8.28 -21.21 26.49
N PHE A 411 7.24 -20.36 26.55
CA PHE A 411 7.40 -18.97 26.14
C PHE A 411 8.36 -18.23 27.08
N VAL A 412 8.25 -18.48 28.37
CA VAL A 412 9.14 -17.81 29.30
C VAL A 412 10.56 -18.27 29.09
N GLY A 413 10.77 -19.57 28.90
CA GLY A 413 12.13 -20.05 28.63
C GLY A 413 12.70 -19.47 27.34
N THR A 414 11.85 -19.35 26.32
CA THR A 414 12.27 -18.78 25.05
C THR A 414 12.67 -17.30 25.19
N VAL A 415 11.86 -16.50 25.91
CA VAL A 415 12.23 -15.10 26.15
C VAL A 415 13.56 -15.02 26.89
N GLN A 416 13.72 -15.84 27.94
CA GLN A 416 14.92 -15.73 28.75
C GLN A 416 16.17 -16.12 27.96
N GLU A 417 16.03 -17.06 27.01
CA GLU A 417 17.16 -17.33 26.12
C GLU A 417 17.42 -16.18 25.16
N LEU A 418 16.37 -15.68 24.51
CA LEU A 418 16.56 -14.64 23.52
C LEU A 418 17.17 -13.40 24.15
N TYR A 419 16.68 -13.04 25.34
CA TYR A 419 16.94 -11.75 25.95
C TYR A 419 17.36 -11.99 27.40
N PRO A 420 18.57 -12.54 27.61
CA PRO A 420 18.95 -13.00 28.94
C PRO A 420 18.94 -11.93 30.01
N ALA A 421 19.14 -10.67 29.65
CA ALA A 421 19.22 -9.61 30.65
C ALA A 421 17.86 -9.24 31.23
N GLY A 422 16.76 -9.60 30.58
CA GLY A 422 15.46 -9.11 31.02
C GLY A 422 14.99 -9.70 32.33
N GLY A 423 15.48 -10.91 32.67
CA GLY A 423 14.89 -11.64 33.77
C GLY A 423 13.38 -11.73 33.63
N TYR A 424 12.86 -12.11 32.44
CA TYR A 424 11.41 -12.17 32.22
C TYR A 424 10.73 -13.11 33.23
N ARG A 425 9.67 -12.62 33.89
CA ARG A 425 8.99 -13.43 34.90
C ARG A 425 7.57 -12.92 35.09
N PRO A 426 6.67 -13.11 34.12
CA PRO A 426 5.38 -12.42 34.15
C PRO A 426 4.42 -13.05 35.13
N GLU A 427 3.47 -12.23 35.60
CA GLU A 427 2.32 -12.76 36.30
C GLU A 427 1.32 -13.29 35.28
N ILE A 428 0.91 -14.54 35.45
CA ILE A 428 -0.08 -15.19 34.58
C ILE A 428 -1.47 -15.06 35.20
N ILE A 429 -2.40 -14.55 34.40
CA ILE A 429 -3.70 -14.05 34.85
C ILE A 429 -4.70 -14.44 33.78
N GLU A 430 -5.94 -14.74 34.16
CA GLU A 430 -6.87 -15.27 33.16
C GLU A 430 -8.10 -14.38 33.03
N TYR A 431 -8.87 -14.62 31.97
CA TYR A 431 -10.18 -13.99 31.84
C TYR A 431 -11.19 -15.03 31.35
N ARG A 432 -12.48 -14.77 31.64
CA ARG A 432 -13.53 -15.76 31.37
C ARG A 432 -13.98 -15.60 29.93
N ASP A 433 -13.25 -16.25 29.03
CA ASP A 433 -13.51 -16.15 27.60
C ASP A 433 -14.77 -16.89 27.17
N LYS A 434 -15.36 -17.72 28.04
CA LYS A 434 -16.55 -18.48 27.68
C LYS A 434 -17.83 -17.97 28.35
N ALA A 435 -17.71 -16.96 29.23
CA ALA A 435 -18.80 -16.64 30.14
C ALA A 435 -19.86 -15.76 29.49
N TYR A 436 -19.44 -14.80 28.64
CA TYR A 436 -20.36 -13.88 27.99
C TYR A 436 -20.24 -13.86 26.47
N GLY A 437 -19.23 -14.49 25.90
CA GLY A 437 -18.60 -13.90 24.73
C GLY A 437 -19.00 -14.39 23.37
N GLY A 438 -18.09 -15.15 22.77
CA GLY A 438 -18.10 -15.43 21.35
C GLY A 438 -17.45 -14.28 20.59
N GLY A 439 -18.21 -13.22 20.39
CA GLY A 439 -17.79 -12.10 19.57
C GLY A 439 -17.12 -11.01 20.37
N VAL A 440 -16.92 -9.86 19.70
CA VAL A 440 -16.21 -8.74 20.32
C VAL A 440 -16.89 -8.26 21.58
N PRO A 441 -18.20 -8.01 21.62
CA PRO A 441 -18.87 -7.88 22.92
C PRO A 441 -18.86 -9.23 23.62
N GLY A 442 -18.26 -9.26 24.79
CA GLY A 442 -18.25 -10.45 25.63
C GLY A 442 -16.84 -10.92 25.83
N GLN A 443 -16.08 -10.99 24.73
CA GLN A 443 -14.64 -10.98 24.87
C GLN A 443 -14.19 -9.69 25.56
N MET A 444 -14.74 -8.56 25.11
CA MET A 444 -14.40 -7.30 25.75
C MET A 444 -14.95 -7.19 27.16
N LYS A 445 -16.15 -7.73 27.40
CA LYS A 445 -16.67 -7.72 28.77
C LYS A 445 -15.72 -8.46 29.70
N ALA A 446 -15.21 -9.62 29.25
CA ALA A 446 -14.30 -10.40 30.09
C ALA A 446 -12.99 -9.67 30.33
N LEU A 447 -12.44 -9.08 29.26
CA LEU A 447 -11.17 -8.37 29.42
C LEU A 447 -11.33 -7.15 30.32
N LEU A 448 -12.40 -6.38 30.12
CA LEU A 448 -12.63 -5.18 30.91
C LEU A 448 -12.84 -5.52 32.38
N GLU A 449 -13.60 -6.57 32.66
CA GLU A 449 -13.86 -6.92 34.06
C GLU A 449 -12.56 -7.32 34.75
N VAL A 450 -11.70 -8.07 34.06
CA VAL A 450 -10.41 -8.40 34.67
C VAL A 450 -9.63 -7.13 34.98
N ALA A 451 -9.56 -6.20 34.03
CA ALA A 451 -8.79 -4.98 34.25
C ALA A 451 -9.39 -4.14 35.38
N GLU A 452 -10.73 -4.02 35.42
CA GLU A 452 -11.39 -3.21 36.43
C GLU A 452 -11.10 -3.73 37.82
N ARG A 453 -11.19 -5.05 38.03
CA ARG A 453 -10.90 -5.60 39.35
C ARG A 453 -9.45 -5.32 39.77
N GLY A 454 -8.67 -4.65 38.91
CA GLY A 454 -7.29 -4.34 39.24
C GLY A 454 -6.37 -5.53 39.25
N GLU A 455 -6.75 -6.63 38.58
CA GLU A 455 -5.92 -7.83 38.57
C GLU A 455 -4.65 -7.63 37.76
N ILE A 456 -4.63 -6.71 36.81
CA ILE A 456 -3.44 -6.47 35.99
C ILE A 456 -2.61 -5.46 36.77
N LYS A 457 -1.85 -5.96 37.74
CA LYS A 457 -0.76 -5.15 38.25
C LYS A 457 0.25 -4.99 37.12
N SER A 458 1.12 -3.99 37.23
CA SER A 458 2.06 -3.64 36.15
C SER A 458 1.39 -3.04 34.92
N GLY A 459 2.15 -2.29 34.12
CA GLY A 459 1.58 -1.55 33.01
C GLY A 459 1.71 -2.22 31.65
N ASP A 460 2.60 -3.20 31.55
CA ASP A 460 2.88 -3.92 30.32
C ASP A 460 2.12 -5.25 30.34
N VAL A 461 1.18 -5.43 29.41
CA VAL A 461 0.38 -6.64 29.34
C VAL A 461 0.60 -7.30 28.01
N LEU A 462 0.80 -8.63 28.03
CA LEU A 462 0.70 -9.45 26.83
C LEU A 462 -0.58 -10.26 26.93
N VAL A 463 -1.52 -10.00 26.02
CA VAL A 463 -2.85 -10.58 26.13
C VAL A 463 -3.09 -11.51 24.94
N MET A 464 -3.57 -12.71 25.24
CA MET A 464 -3.81 -13.71 24.23
C MET A 464 -5.29 -13.66 23.88
N LEU A 465 -5.58 -13.39 22.61
CA LEU A 465 -6.95 -13.25 22.14
C LEU A 465 -7.34 -14.39 21.21
N HIS A 466 -8.63 -14.70 21.18
CA HIS A 466 -9.14 -15.55 20.13
C HIS A 466 -9.21 -14.77 18.84
N ARG A 467 -9.01 -15.45 17.72
CA ARG A 467 -9.19 -14.80 16.43
C ARG A 467 -10.68 -14.82 16.11
N ILE A 468 -11.33 -13.66 16.19
CA ILE A 468 -12.76 -13.60 15.94
C ILE A 468 -13.05 -13.73 14.46
N ASN A 469 -12.31 -13.01 13.62
CA ASN A 469 -12.54 -13.06 12.18
C ASN A 469 -11.35 -13.77 11.55
N GLY A 470 -11.55 -15.06 11.24
CA GLY A 470 -10.47 -15.86 10.69
C GLY A 470 -10.17 -15.59 9.24
N ALA A 471 -11.11 -14.97 8.52
CA ALA A 471 -10.90 -14.69 7.10
C ALA A 471 -9.79 -13.64 6.93
N PRO A 472 -8.89 -13.82 5.96
CA PRO A 472 -7.92 -12.76 5.65
C PRO A 472 -8.65 -11.61 4.98
N ARG A 473 -7.92 -10.52 4.68
CA ARG A 473 -8.54 -9.28 4.20
C ARG A 473 -9.54 -8.75 5.24
N ALA A 474 -9.19 -8.92 6.52
CA ALA A 474 -10.04 -8.49 7.62
C ALA A 474 -9.21 -7.79 8.67
N GLN A 475 -9.85 -6.89 9.41
CA GLN A 475 -9.18 -6.19 10.51
C GLN A 475 -9.51 -6.86 11.83
N ASP A 476 -8.57 -6.74 12.77
CA ASP A 476 -8.68 -7.31 14.10
C ASP A 476 -9.31 -6.28 15.04
N LYS A 477 -10.64 -6.17 14.98
CA LYS A 477 -11.34 -5.18 15.83
C LYS A 477 -11.08 -5.46 17.31
N LEU A 478 -11.05 -6.73 17.70
CA LEU A 478 -10.89 -7.05 19.12
C LEU A 478 -9.54 -6.58 19.64
N ALA A 479 -8.48 -6.73 18.85
CA ALA A 479 -7.17 -6.33 19.34
C ALA A 479 -7.10 -4.80 19.49
N ALA A 480 -7.63 -4.08 18.50
CA ALA A 480 -7.67 -2.62 18.57
C ALA A 480 -8.50 -2.15 19.75
N MET A 481 -9.66 -2.78 19.97
CA MET A 481 -10.48 -2.41 21.12
C MET A 481 -9.74 -2.63 22.44
N VAL A 482 -9.03 -3.75 22.56
CA VAL A 482 -8.34 -4.03 23.82
C VAL A 482 -7.20 -3.06 24.05
N CYS A 483 -6.48 -2.71 22.98
CA CYS A 483 -5.44 -1.69 23.12
C CYS A 483 -6.02 -0.33 23.50
N ASN A 484 -7.12 0.06 22.86
CA ASN A 484 -7.70 1.37 23.15
C ASN A 484 -8.16 1.46 24.59
N GLU A 485 -8.95 0.50 25.04
CA GLU A 485 -9.48 0.65 26.39
C GLU A 485 -8.41 0.42 27.45
N PHE A 486 -7.39 -0.40 27.18
CA PHE A 486 -6.38 -0.58 28.22
C PHE A 486 -5.41 0.61 28.29
N GLU A 487 -5.14 1.28 27.17
CA GLU A 487 -4.36 2.53 27.22
C GLU A 487 -5.20 3.63 27.87
N LYS A 488 -6.43 3.78 27.40
CA LYS A 488 -7.20 4.96 27.70
C LYS A 488 -7.70 4.93 29.14
N ARG A 489 -8.30 3.83 29.55
CA ARG A 489 -8.97 3.74 30.83
C ARG A 489 -8.01 3.40 31.97
N PHE A 490 -7.08 2.50 31.74
CA PHE A 490 -6.10 2.12 32.74
C PHE A 490 -4.73 2.54 32.22
N GLY A 491 -3.71 2.25 33.01
CA GLY A 491 -2.49 2.80 32.46
C GLY A 491 -1.85 1.98 31.36
N LYS A 492 -2.48 0.95 30.86
CA LYS A 492 -1.73 -0.20 30.36
C LYS A 492 -1.19 -0.01 28.95
N ARG A 493 -0.11 -0.74 28.68
CA ARG A 493 0.53 -0.85 27.37
C ARG A 493 0.40 -2.29 26.93
N VAL A 494 -0.32 -2.54 25.85
CA VAL A 494 -0.75 -3.91 25.53
C VAL A 494 -0.17 -4.37 24.19
N GLN A 495 0.47 -5.54 24.20
CA GLN A 495 0.78 -6.34 23.03
C GLN A 495 -0.19 -7.52 22.92
N VAL A 496 -0.28 -8.09 21.73
CA VAL A 496 -1.30 -9.10 21.45
C VAL A 496 -0.68 -10.34 20.82
N ILE A 497 -1.13 -11.51 21.28
CA ILE A 497 -0.99 -12.74 20.50
C ILE A 497 -2.36 -13.40 20.42
N HIS A 498 -2.49 -14.36 19.51
CA HIS A 498 -3.73 -15.10 19.37
C HIS A 498 -3.53 -16.52 19.87
N SER A 499 -4.64 -17.26 19.97
CA SER A 499 -4.61 -18.57 20.62
C SER A 499 -4.58 -19.72 19.64
N ASP A 500 -5.07 -19.52 18.41
CA ASP A 500 -5.05 -20.58 17.41
C ASP A 500 -3.63 -20.98 17.04
N SER A 501 -2.75 -19.99 16.83
CA SER A 501 -1.41 -20.30 16.32
C SER A 501 -0.60 -21.10 17.31
N PRO A 502 -0.42 -20.68 18.57
CA PRO A 502 0.28 -21.57 19.51
C PRO A 502 -0.52 -22.80 19.86
N GLY A 503 -1.85 -22.75 19.80
CA GLY A 503 -2.60 -23.95 20.11
C GLY A 503 -2.23 -25.09 19.19
N ARG A 504 -2.04 -24.79 17.90
CA ARG A 504 -1.64 -25.83 16.94
C ARG A 504 -0.29 -26.41 17.27
N GLY A 505 0.46 -25.82 18.19
CA GLY A 505 1.77 -26.32 18.51
C GLY A 505 1.86 -27.24 19.70
N TYR A 506 0.75 -27.52 20.38
CA TYR A 506 0.74 -28.41 21.52
C TYR A 506 -0.20 -29.58 21.29
N LYS A 507 0.18 -30.76 21.78
CA LYS A 507 -0.70 -31.90 21.80
C LYS A 507 -0.68 -32.54 23.18
N ARG A 508 -1.79 -33.20 23.51
CA ARG A 508 -1.96 -33.83 24.80
C ARG A 508 -1.48 -35.27 24.72
N ILE A 509 -0.72 -35.68 25.71
CA ILE A 509 -0.05 -36.97 25.76
C ILE A 509 -0.21 -37.50 27.17
N PHE A 510 -0.09 -38.81 27.32
CA PHE A 510 -0.05 -39.47 28.61
C PHE A 510 1.42 -39.65 29.00
N LYS A 511 1.89 -38.96 30.04
CA LYS A 511 3.20 -39.24 30.60
C LYS A 511 3.11 -39.32 32.11
N ASN A 512 3.75 -40.33 32.69
CA ASN A 512 3.80 -40.51 34.14
C ASN A 512 2.42 -40.63 34.77
N ASP A 513 1.50 -41.38 34.14
CA ASP A 513 0.11 -41.52 34.58
C ASP A 513 -0.69 -40.20 34.58
N LYS A 514 -0.15 -39.08 34.03
CA LYS A 514 -0.84 -37.79 33.92
C LYS A 514 -1.11 -37.42 32.47
N PRO A 515 -2.27 -36.85 32.16
CA PRO A 515 -2.40 -36.06 30.93
C PRO A 515 -1.47 -34.86 30.99
N THR A 516 -0.82 -34.55 29.86
CA THR A 516 0.21 -33.52 29.79
C THR A 516 0.25 -32.91 28.39
N TYR A 517 0.55 -31.62 28.30
CA TYR A 517 0.69 -30.98 27.00
C TYR A 517 2.16 -30.83 26.63
N VAL A 518 2.48 -31.14 25.37
CA VAL A 518 3.85 -31.23 24.89
C VAL A 518 3.85 -30.65 23.48
N GLN A 519 5.02 -30.24 23.00
CA GLN A 519 5.05 -29.64 21.68
C GLN A 519 4.85 -30.68 20.59
N GLN A 520 4.13 -30.32 19.53
CA GLN A 520 4.07 -31.18 18.34
C GLN A 520 4.69 -30.46 17.16
N ARG A 521 5.71 -31.08 16.56
CA ARG A 521 6.32 -30.53 15.35
C ARG A 521 5.73 -31.23 14.12
N GLY A 522 4.45 -30.98 13.91
CA GLY A 522 3.76 -31.58 12.78
C GLY A 522 3.33 -30.59 11.71
N ARG A 523 2.08 -30.15 11.80
CA ARG A 523 1.45 -29.32 10.78
C ARG A 523 0.46 -28.35 11.43
N GLY A 524 0.53 -27.09 10.99
CA GLY A 524 -0.32 -26.03 11.50
C GLY A 524 0.51 -24.82 11.91
N VAL A 525 1.65 -25.09 12.52
CA VAL A 525 2.61 -24.05 12.92
C VAL A 525 3.93 -24.75 13.22
N ASN A 526 5.02 -23.99 13.23
CA ASN A 526 6.32 -24.50 13.68
C ASN A 526 6.57 -23.80 15.01
N ILE A 527 6.37 -24.53 16.11
CA ILE A 527 6.14 -23.86 17.37
C ILE A 527 7.41 -23.21 17.88
N LYS A 528 8.58 -23.81 17.63
CA LYS A 528 9.83 -23.19 18.11
C LYS A 528 10.01 -21.84 17.45
N GLY A 529 9.76 -21.79 16.14
CA GLY A 529 9.84 -20.54 15.42
C GLY A 529 8.81 -19.55 15.92
N TYR A 530 7.56 -20.02 16.12
CA TYR A 530 6.53 -19.16 16.68
C TYR A 530 7.02 -18.51 17.98
N LEU A 531 7.64 -19.32 18.83
CA LEU A 531 8.02 -18.83 20.14
C LEU A 531 9.09 -17.76 20.00
N LYS A 532 10.11 -18.03 19.17
CA LYS A 532 11.18 -17.05 19.03
C LYS A 532 10.63 -15.75 18.42
N GLY A 533 9.74 -15.87 17.44
CA GLY A 533 9.20 -14.66 16.83
C GLY A 533 8.36 -13.84 17.79
N ALA A 534 7.39 -14.49 18.46
CA ALA A 534 6.53 -13.73 19.36
C ALA A 534 7.34 -13.17 20.53
N ALA A 535 8.31 -13.94 21.03
CA ALA A 535 9.24 -13.45 22.03
C ALA A 535 9.90 -12.15 21.57
N LEU A 536 10.45 -12.14 20.34
CA LEU A 536 11.13 -10.95 19.82
C LEU A 536 10.18 -9.77 19.67
N ASN A 537 9.02 -10.00 19.07
CA ASN A 537 8.19 -8.87 18.64
C ASN A 537 7.30 -8.34 19.74
N LYS A 538 6.71 -9.24 20.54
CA LYS A 538 5.73 -8.83 21.54
C LYS A 538 6.34 -8.50 22.91
N VAL A 539 7.41 -9.17 23.32
CA VAL A 539 7.96 -8.87 24.65
C VAL A 539 9.17 -7.94 24.54
N CYS A 540 10.20 -8.35 23.77
CA CYS A 540 11.39 -7.52 23.62
C CYS A 540 11.08 -6.17 22.98
N LEU A 541 10.69 -6.18 21.69
CA LEU A 541 10.31 -4.94 21.02
C LEU A 541 9.14 -4.25 21.73
N GLY A 542 8.22 -5.04 22.31
CA GLY A 542 7.08 -4.45 22.99
C GLY A 542 7.48 -3.63 24.19
N ASN A 543 8.65 -3.94 24.78
CA ASN A 543 9.29 -3.17 25.84
C ASN A 543 10.39 -2.24 25.32
N SER A 544 10.46 -1.99 24.02
CA SER A 544 11.40 -0.99 23.49
C SER A 544 12.85 -1.37 23.74
N ARG A 545 13.14 -2.67 23.74
CA ARG A 545 14.50 -3.18 23.81
C ARG A 545 14.97 -3.43 22.38
N TRP A 546 15.54 -2.38 21.74
CA TRP A 546 15.88 -2.56 20.34
C TRP A 546 17.13 -3.42 20.23
N PRO A 547 17.16 -4.36 19.26
CA PRO A 547 18.30 -5.30 19.18
C PRO A 547 19.58 -4.70 18.62
N PHE A 548 19.45 -3.67 17.77
CA PHE A 548 20.61 -3.02 17.18
C PHE A 548 20.20 -1.65 16.65
N VAL A 549 21.18 -0.77 16.49
CA VAL A 549 20.93 0.58 16.00
C VAL A 549 21.98 0.94 14.94
N LEU A 550 21.67 1.97 14.16
CA LEU A 550 22.65 2.58 13.26
C LEU A 550 23.86 3.12 14.03
N ARG A 551 25.07 2.86 13.51
CA ARG A 551 26.29 3.40 14.12
C ARG A 551 26.52 4.86 13.73
N ASP A 552 26.41 5.16 12.55
CA ASP A 552 26.69 6.45 11.90
C ASP A 552 25.42 7.30 11.77
N PRO A 553 25.52 8.63 11.82
CA PRO A 553 24.33 9.46 11.60
C PRO A 553 23.77 9.32 10.18
N LEU A 554 22.44 9.48 10.10
CA LEU A 554 21.74 9.67 8.84
C LEU A 554 22.01 11.08 8.30
N ASN A 555 21.48 11.38 7.12
CA ASN A 555 21.53 12.75 6.64
C ASN A 555 20.62 13.64 7.47
N ALA A 556 19.52 13.08 7.97
CA ALA A 556 18.66 13.79 8.91
C ALA A 556 19.10 13.48 10.33
N ASP A 557 19.00 14.50 11.19
CA ASP A 557 19.20 14.28 12.63
C ASP A 557 17.98 13.62 13.27
N VAL A 558 16.79 13.93 12.77
CA VAL A 558 15.52 13.42 13.28
C VAL A 558 14.65 13.12 12.08
N THR A 559 13.89 12.04 12.16
CA THR A 559 13.05 11.73 11.01
C THR A 559 11.75 11.12 11.51
N ILE A 560 10.64 11.74 11.11
CA ILE A 560 9.32 11.58 11.71
C ILE A 560 8.36 11.00 10.67
N GLY A 561 7.62 9.97 11.06
CA GLY A 561 6.60 9.35 10.19
C GLY A 561 5.20 9.73 10.62
N ILE A 562 4.31 9.90 9.64
CA ILE A 562 2.92 10.29 9.88
C ILE A 562 2.00 9.40 9.06
N ASP A 563 0.93 8.92 9.68
CA ASP A 563 -0.08 8.17 8.93
C ASP A 563 -1.45 8.47 9.54
N VAL A 564 -2.42 8.85 8.71
CA VAL A 564 -3.77 9.14 9.18
C VAL A 564 -4.70 8.21 8.41
N LYS A 565 -5.20 7.18 9.08
CA LYS A 565 -6.15 6.25 8.48
C LYS A 565 -7.15 5.84 9.55
N ASN A 566 -8.46 5.99 9.25
CA ASN A 566 -9.60 5.73 10.15
C ASN A 566 -9.88 6.85 11.15
N ASN A 567 -9.54 8.09 10.80
CA ASN A 567 -9.62 9.27 11.68
C ASN A 567 -8.64 9.18 12.85
N MET A 568 -7.61 8.33 12.72
CA MET A 568 -6.80 7.85 13.83
C MET A 568 -5.32 8.07 13.49
N ALA A 569 -4.84 9.29 13.76
CA ALA A 569 -3.49 9.69 13.36
C ALA A 569 -2.42 8.97 14.20
N VAL A 570 -1.24 8.79 13.60
CA VAL A 570 -0.10 8.15 14.24
C VAL A 570 1.18 8.90 13.86
N PHE A 571 1.86 9.46 14.85
CA PHE A 571 3.19 10.03 14.68
C PHE A 571 4.23 9.06 15.23
N THR A 572 5.34 8.92 14.52
CA THR A 572 6.48 8.15 14.99
C THR A 572 7.73 9.00 14.83
N MET A 573 8.71 8.77 15.69
CA MET A 573 9.92 9.57 15.63
C MET A 573 11.12 8.66 15.79
N VAL A 574 12.09 8.81 14.89
CA VAL A 574 13.36 8.09 15.02
C VAL A 574 14.47 9.11 15.06
N ALA A 575 15.38 8.93 16.01
CA ALA A 575 16.48 9.85 16.17
C ALA A 575 17.64 9.13 16.83
N GLU A 576 18.80 9.78 16.78
CA GLU A 576 20.06 9.09 16.99
C GLU A 576 20.00 7.87 16.07
N GLY A 577 20.63 6.77 16.36
CA GLY A 577 20.67 5.87 15.21
C GLY A 577 19.46 4.97 15.11
N GLY A 578 18.33 5.40 15.64
CA GLY A 578 17.39 4.46 16.21
C GLY A 578 17.52 4.23 17.72
N ARG A 579 18.44 4.92 18.41
CA ARG A 579 18.45 4.80 19.86
C ARG A 579 17.31 5.57 20.51
N ILE A 580 16.70 6.49 19.80
CA ILE A 580 15.52 7.18 20.32
C ILE A 580 14.38 6.91 19.35
N VAL A 581 13.27 6.39 19.89
CA VAL A 581 12.13 5.98 19.09
C VAL A 581 10.85 6.26 19.87
N ARG A 582 9.98 7.12 19.35
CA ARG A 582 8.71 7.41 20.01
C ARG A 582 7.55 7.14 19.07
N VAL A 583 6.42 6.72 19.62
CA VAL A 583 5.19 6.56 18.87
C VAL A 583 4.05 7.16 19.68
N GLN A 584 3.31 8.10 19.09
CA GLN A 584 2.14 8.69 19.73
C GLN A 584 0.93 8.68 18.80
N ARG A 585 -0.21 8.30 19.34
CA ARG A 585 -1.44 8.27 18.56
C ARG A 585 -2.24 9.55 18.76
N SER A 586 -3.38 9.63 18.08
CA SER A 586 -4.27 10.78 18.12
C SER A 586 -5.55 10.40 17.39
N ARG A 587 -6.46 11.37 17.30
CA ARG A 587 -7.61 11.28 16.40
C ARG A 587 -7.80 12.64 15.76
N SER A 588 -8.14 12.65 14.48
CA SER A 588 -8.45 13.89 13.79
C SER A 588 -9.77 13.74 13.07
N ARG A 589 -10.24 14.87 12.54
CA ARG A 589 -11.55 14.95 11.92
C ARG A 589 -11.63 14.03 10.70
N GLN A 590 -10.86 14.31 9.65
CA GLN A 590 -10.95 13.52 8.43
C GLN A 590 -10.32 12.16 8.59
N ARG A 591 -10.89 11.17 7.90
CA ARG A 591 -10.49 9.78 8.07
C ARG A 591 -9.10 9.47 7.50
N GLU A 592 -8.60 10.30 6.57
CA GLU A 592 -7.32 10.06 5.92
C GLU A 592 -6.44 11.31 5.85
N GLN A 593 -6.74 12.35 6.63
CA GLN A 593 -6.02 13.61 6.55
C GLN A 593 -5.94 14.18 7.95
N LEU A 594 -5.16 15.26 8.10
CA LEU A 594 -4.87 15.82 9.41
C LEU A 594 -4.99 17.34 9.41
N LEU A 595 -5.50 17.89 10.51
CA LEU A 595 -5.58 19.33 10.71
C LEU A 595 -4.19 19.93 10.96
N GLU A 596 -4.05 21.20 10.63
CA GLU A 596 -2.74 21.87 10.68
C GLU A 596 -2.30 22.12 12.12
N SER A 597 -3.21 22.64 12.94
CA SER A 597 -2.88 22.94 14.33
C SER A 597 -2.52 21.67 15.10
N GLN A 598 -3.27 20.59 14.85
CA GLN A 598 -2.96 19.30 15.49
C GLN A 598 -1.53 18.89 15.20
N VAL A 599 -1.12 19.02 13.94
CA VAL A 599 0.23 18.66 13.54
C VAL A 599 1.25 19.45 14.34
N THR A 600 1.09 20.77 14.34
CA THR A 600 2.11 21.57 14.99
C THR A 600 2.15 21.34 16.50
N GLN A 601 1.04 20.88 17.11
CA GLN A 601 1.06 20.62 18.54
C GLN A 601 1.74 19.29 18.86
N VAL A 602 1.33 18.23 18.18
CA VAL A 602 1.83 16.90 18.49
C VAL A 602 3.32 16.81 18.25
N ILE A 603 3.81 17.35 17.13
CA ILE A 603 5.23 17.22 16.82
C ILE A 603 6.08 17.96 17.84
N THR A 604 5.70 19.19 18.18
CA THR A 604 6.45 19.95 19.17
C THR A 604 6.49 19.20 20.51
N GLU A 605 5.32 18.75 20.96
CA GLU A 605 5.26 18.09 22.26
C GLU A 605 6.09 16.81 22.25
N MET A 606 6.09 16.10 21.13
CA MET A 606 6.78 14.83 21.03
C MET A 606 8.30 15.02 21.04
N LEU A 607 8.80 15.96 20.23
CA LEU A 607 10.24 16.16 20.11
C LEU A 607 10.85 16.85 21.33
N SER A 608 10.06 17.66 22.05
CA SER A 608 10.66 18.41 23.14
C SER A 608 11.06 17.49 24.28
N LYS A 609 10.32 16.41 24.50
CA LYS A 609 10.68 15.44 25.55
C LYS A 609 11.99 14.71 25.23
N GLU A 610 12.42 14.69 23.97
CA GLU A 610 13.59 13.93 23.55
C GLU A 610 14.82 14.77 23.26
N LEU A 611 14.66 16.05 22.91
CA LEU A 611 15.79 16.96 22.72
C LEU A 611 16.83 16.96 23.85
N PRO A 612 16.48 16.85 25.13
CA PRO A 612 17.55 16.69 26.12
C PRO A 612 18.37 15.43 25.91
N GLU A 613 17.77 14.37 25.37
CA GLU A 613 18.53 13.15 25.11
C GLU A 613 19.29 13.18 23.78
N ILE A 614 19.05 14.16 22.90
CA ILE A 614 19.69 14.17 21.59
C ILE A 614 20.97 15.00 21.70
N LYS A 615 22.11 14.32 21.87
CA LYS A 615 23.34 15.02 22.26
C LYS A 615 23.82 15.99 21.20
N LYS A 616 23.79 15.61 19.93
CA LYS A 616 24.23 16.53 18.89
C LYS A 616 23.14 17.57 18.61
N GLN A 617 23.57 18.82 18.43
CA GLN A 617 22.67 19.89 18.01
C GLN A 617 21.95 19.51 16.72
N VAL A 618 20.64 19.79 16.68
CA VAL A 618 19.78 19.29 15.61
C VAL A 618 19.68 20.34 14.52
N GLN A 619 19.99 19.96 13.27
CA GLN A 619 19.96 20.93 12.17
C GLN A 619 19.38 20.48 10.84
N ARG A 620 18.95 19.22 10.67
CA ARG A 620 18.16 18.81 9.51
C ARG A 620 17.08 17.82 9.93
N VAL A 621 15.85 18.00 9.43
CA VAL A 621 14.73 17.15 9.81
C VAL A 621 13.97 16.73 8.55
N VAL A 622 13.38 15.56 8.61
CA VAL A 622 12.70 14.93 7.49
C VAL A 622 11.39 14.37 8.01
N ILE A 623 10.33 14.54 7.23
CA ILE A 623 9.05 13.88 7.52
C ILE A 623 8.75 12.87 6.43
N HIS A 624 8.35 11.66 6.84
CA HIS A 624 7.87 10.62 5.92
C HIS A 624 6.37 10.50 6.10
N ARG A 625 5.60 10.89 5.07
CA ARG A 625 4.15 10.69 5.08
C ARG A 625 3.81 9.39 4.38
N ASP A 626 2.95 8.58 4.99
CA ASP A 626 2.44 7.37 4.33
C ASP A 626 1.32 7.77 3.38
N GLY A 627 1.55 7.55 2.09
CA GLY A 627 0.60 7.93 1.09
C GLY A 627 0.64 9.43 0.84
N ARG A 628 -0.46 9.92 0.26
CA ARG A 628 -0.59 11.32 -0.10
C ARG A 628 -0.41 12.23 1.11
N ALA A 629 0.31 13.34 0.92
CA ALA A 629 0.49 14.38 1.93
C ALA A 629 -0.37 15.58 1.61
N TRP A 630 -0.80 16.30 2.66
CA TRP A 630 -1.68 17.47 2.55
C TRP A 630 -0.97 18.75 2.93
N PRO A 631 -1.08 19.83 2.15
CA PRO A 631 -0.35 21.06 2.49
C PRO A 631 -0.77 21.66 3.81
N ALA A 632 -2.00 21.39 4.27
CA ALA A 632 -2.39 21.76 5.63
C ALA A 632 -1.42 21.18 6.64
N GLU A 633 -0.81 20.05 6.30
CA GLU A 633 0.15 19.43 7.21
C GLU A 633 1.55 20.04 7.06
N ILE A 634 1.98 20.34 5.82
CA ILE A 634 3.29 20.94 5.60
C ILE A 634 3.39 22.30 6.31
N ALA A 635 2.28 23.05 6.34
CA ALA A 635 2.32 24.34 7.01
C ALA A 635 2.73 24.20 8.47
N GLY A 636 1.99 23.39 9.22
CA GLY A 636 2.35 23.17 10.63
C GLY A 636 3.73 22.56 10.78
N ALA A 637 4.12 21.72 9.83
CA ALA A 637 5.47 21.15 9.85
C ALA A 637 6.52 22.25 9.87
N ARG A 638 6.54 23.08 8.84
CA ARG A 638 7.52 24.17 8.77
C ARG A 638 7.43 25.07 10.00
N LYS A 639 6.20 25.31 10.48
CA LYS A 639 6.02 26.20 11.62
C LYS A 639 6.72 25.66 12.87
N THR A 640 6.53 24.37 13.15
CA THR A 640 7.07 23.78 14.37
C THR A 640 8.55 24.06 14.50
N PHE A 641 9.30 23.75 13.44
CA PHE A 641 10.75 23.85 13.46
C PHE A 641 11.23 25.28 13.30
N ALA A 642 10.45 26.17 12.66
CA ALA A 642 10.82 27.59 12.68
C ALA A 642 10.77 28.14 14.10
N ASP A 643 9.70 27.80 14.84
CA ASP A 643 9.61 28.23 16.24
C ASP A 643 10.75 27.67 17.05
N MET A 644 11.00 26.35 16.93
CA MET A 644 12.05 25.71 17.70
C MET A 644 13.42 26.30 17.40
N ALA A 645 13.67 26.68 16.15
CA ALA A 645 14.94 27.32 15.81
C ALA A 645 15.05 28.70 16.46
N GLU A 646 13.94 29.46 16.50
CA GLU A 646 13.97 30.76 17.18
C GLU A 646 14.29 30.62 18.66
N SER A 647 13.68 29.63 19.33
CA SER A 647 13.92 29.42 20.76
C SER A 647 15.39 29.17 21.04
N GLY A 648 16.02 28.31 20.25
CA GLY A 648 17.35 27.83 20.53
C GLY A 648 17.41 26.38 20.92
N LEU A 649 16.26 25.71 21.07
CA LEU A 649 16.28 24.26 21.32
C LEU A 649 16.92 23.53 20.17
N ILE A 650 16.86 24.11 18.97
CA ILE A 650 17.36 23.57 17.73
C ILE A 650 18.35 24.57 17.16
N ALA A 651 19.21 24.10 16.24
CA ALA A 651 20.13 25.00 15.55
C ALA A 651 19.38 26.12 14.82
N VAL A 652 19.94 27.33 14.87
CA VAL A 652 19.24 28.49 14.31
C VAL A 652 19.06 28.35 12.80
N ASP A 653 20.08 27.86 12.10
CA ASP A 653 19.99 27.66 10.65
C ASP A 653 19.57 26.23 10.27
N ALA A 654 18.51 25.71 10.90
CA ALA A 654 18.06 24.35 10.65
C ALA A 654 16.88 24.32 9.70
N ASP A 655 16.68 23.18 9.04
CA ASP A 655 15.71 23.09 7.96
C ASP A 655 14.94 21.77 8.03
N VAL A 656 13.82 21.75 7.28
CA VAL A 656 12.87 20.65 7.22
C VAL A 656 12.66 20.30 5.76
N SER A 657 12.57 19.01 5.47
CA SER A 657 12.11 18.55 4.17
C SER A 657 11.02 17.48 4.35
N VAL A 658 10.02 17.49 3.47
CA VAL A 658 8.89 16.57 3.58
C VAL A 658 8.84 15.70 2.35
N PHE A 659 8.75 14.37 2.58
CA PHE A 659 8.73 13.35 1.55
C PHE A 659 7.55 12.42 1.74
N GLU A 660 6.87 12.11 0.64
CA GLU A 660 5.78 11.16 0.61
C GLU A 660 6.33 9.79 0.25
N VAL A 661 5.97 8.78 1.02
CA VAL A 661 6.31 7.39 0.76
C VAL A 661 5.07 6.74 0.17
N LEU A 662 5.10 6.45 -1.13
CA LEU A 662 3.95 5.91 -1.85
C LEU A 662 4.17 4.42 -2.02
N LYS A 663 3.72 3.65 -1.02
CA LYS A 663 3.98 2.21 -1.00
C LYS A 663 3.21 1.48 -2.11
N SER A 664 2.03 1.94 -2.45
CA SER A 664 1.41 1.60 -3.72
C SER A 664 1.45 2.86 -4.57
N SER A 665 2.23 2.82 -5.64
CA SER A 665 2.68 4.01 -6.35
C SER A 665 1.83 4.28 -7.60
N PRO A 666 1.54 5.55 -7.90
CA PRO A 666 0.74 5.85 -9.09
C PRO A 666 1.37 5.40 -10.37
N ALA A 667 2.69 5.44 -10.47
CA ALA A 667 3.41 4.98 -11.66
C ALA A 667 4.30 3.81 -11.25
N PRO A 668 3.92 2.59 -11.59
CA PRO A 668 4.66 1.43 -11.08
C PRO A 668 5.87 1.09 -11.94
N LEU A 669 7.04 1.11 -11.33
CA LEU A 669 8.30 1.01 -12.03
C LEU A 669 9.10 -0.17 -11.48
N ARG A 670 9.61 -1.02 -12.36
CA ARG A 670 10.44 -2.12 -11.91
C ARG A 670 11.87 -1.92 -12.39
N LEU A 671 12.79 -2.63 -11.75
CA LEU A 671 14.20 -2.60 -12.11
C LEU A 671 14.72 -4.02 -12.24
N PHE A 672 15.53 -4.24 -13.27
CA PHE A 672 16.13 -5.54 -13.51
C PHE A 672 17.65 -5.42 -13.50
N SER A 673 18.30 -6.55 -13.24
CA SER A 673 19.74 -6.69 -13.31
C SER A 673 20.05 -7.85 -14.23
N PHE A 674 21.30 -8.00 -14.60
CA PHE A 674 21.66 -9.04 -15.54
C PHE A 674 22.83 -9.85 -15.02
N GLU A 675 22.71 -11.15 -15.18
CA GLU A 675 23.77 -12.09 -14.88
C GLU A 675 24.12 -12.81 -16.17
N GLU A 676 25.09 -13.70 -16.08
CA GLU A 676 25.45 -14.50 -17.24
C GLU A 676 24.28 -15.41 -17.59
N PRO A 677 23.78 -15.40 -18.84
CA PRO A 677 22.66 -16.27 -19.19
C PRO A 677 22.94 -17.73 -18.93
N THR A 678 22.27 -18.31 -17.93
CA THR A 678 22.38 -19.74 -17.65
C THR A 678 21.30 -20.47 -18.42
N GLN A 679 21.41 -21.80 -18.43
CA GLN A 679 20.40 -22.61 -19.11
C GLN A 679 19.02 -22.33 -18.54
N GLU A 680 18.94 -22.12 -17.23
CA GLU A 680 17.65 -21.84 -16.62
C GLU A 680 17.14 -20.45 -16.97
N ASN A 681 18.03 -19.44 -16.94
CA ASN A 681 17.69 -18.04 -17.13
C ASN A 681 18.13 -17.61 -18.53
N PRO A 682 17.31 -17.87 -19.55
CA PRO A 682 17.80 -17.76 -20.95
C PRO A 682 18.29 -16.39 -21.33
N LYS A 683 17.67 -15.33 -20.82
CA LYS A 683 18.18 -13.98 -20.99
C LYS A 683 19.02 -13.52 -19.81
N GLY A 684 19.20 -14.35 -18.78
CA GLY A 684 19.98 -13.94 -17.61
C GLY A 684 19.42 -12.75 -16.86
N VAL A 685 18.09 -12.63 -16.80
CA VAL A 685 17.46 -11.53 -16.08
C VAL A 685 17.34 -11.90 -14.61
N ILE A 686 17.75 -11.00 -13.73
CA ILE A 686 17.70 -11.28 -12.30
C ILE A 686 17.19 -10.05 -11.57
N ASN A 687 16.91 -10.25 -10.28
CA ASN A 687 16.49 -9.16 -9.41
C ASN A 687 17.60 -8.11 -9.23
N PRO A 688 17.24 -6.84 -9.04
CA PRO A 688 18.23 -5.85 -8.62
C PRO A 688 18.68 -6.11 -7.18
N VAL A 689 19.88 -5.65 -6.87
CA VAL A 689 20.47 -5.92 -5.56
C VAL A 689 20.03 -4.85 -4.56
N LEU A 690 20.22 -5.13 -3.28
CA LEU A 690 19.49 -4.44 -2.24
C LEU A 690 19.73 -2.92 -2.21
N GLY A 691 20.91 -2.45 -2.54
CA GLY A 691 20.90 -1.00 -2.39
C GLY A 691 20.49 -0.17 -3.61
N SER A 692 20.08 -0.80 -4.70
CA SER A 692 19.97 -0.10 -5.97
C SER A 692 18.92 1.00 -5.91
N TRP A 693 19.14 2.07 -6.68
CA TRP A 693 18.29 3.24 -6.60
C TRP A 693 18.40 4.05 -7.88
N LEU A 694 17.40 4.90 -8.12
CA LEU A 694 17.34 5.73 -9.30
C LEU A 694 16.46 6.95 -9.02
N LYS A 695 16.92 8.14 -9.37
CA LYS A 695 16.06 9.31 -9.35
C LYS A 695 15.65 9.67 -10.77
N LEU A 696 14.40 10.11 -10.91
CA LEU A 696 13.86 10.55 -12.19
C LEU A 696 13.98 12.05 -12.37
N SER A 697 13.37 12.80 -11.44
CA SER A 697 13.54 14.25 -11.38
C SER A 697 14.00 14.61 -9.97
N GLU A 698 14.05 15.89 -9.66
CA GLU A 698 14.38 16.31 -8.31
C GLU A 698 13.30 15.94 -7.30
N ASN A 699 12.12 15.50 -7.74
CA ASN A 699 10.98 15.25 -6.87
C ASN A 699 10.62 13.77 -6.75
N ASP A 700 11.25 12.87 -7.50
CA ASP A 700 10.78 11.49 -7.54
C ASP A 700 11.95 10.53 -7.63
N GLY A 701 11.92 9.47 -6.81
CA GLY A 701 12.94 8.45 -6.87
C GLY A 701 12.45 7.12 -6.35
N TYR A 702 13.32 6.12 -6.48
CA TYR A 702 13.00 4.75 -6.12
C TYR A 702 14.20 4.12 -5.40
N ILE A 703 13.97 3.51 -4.23
CA ILE A 703 14.99 2.67 -3.56
C ILE A 703 14.51 1.24 -3.57
N CYS A 704 15.44 0.32 -3.77
CA CYS A 704 15.11 -1.08 -3.57
C CYS A 704 15.31 -1.39 -2.10
N THR A 705 14.23 -1.23 -1.32
CA THR A 705 14.31 -1.70 0.05
C THR A 705 14.18 -3.20 0.15
N THR A 706 13.63 -3.86 -0.88
CA THR A 706 13.67 -5.30 -1.06
C THR A 706 14.49 -5.58 -2.31
N GLY A 707 15.18 -6.71 -2.33
CA GLY A 707 15.99 -7.02 -3.51
C GLY A 707 16.82 -8.28 -3.34
N ALA A 708 17.84 -8.38 -4.17
CA ALA A 708 18.35 -9.64 -4.71
C ALA A 708 18.70 -10.70 -3.69
N PRO A 709 19.71 -10.52 -2.84
CA PRO A 709 20.17 -11.68 -2.05
C PRO A 709 19.06 -12.27 -1.18
N LEU A 710 18.09 -11.46 -0.76
CA LEU A 710 17.20 -11.83 0.31
C LEU A 710 15.78 -12.18 -0.13
N LEU A 711 15.49 -12.11 -1.42
CA LEU A 711 14.15 -12.41 -1.93
C LEU A 711 14.06 -13.89 -2.28
N LEU A 712 13.05 -14.56 -1.77
CA LEU A 712 12.87 -15.95 -2.11
C LEU A 712 12.38 -16.08 -3.55
N GLN A 713 11.20 -15.55 -3.85
CA GLN A 713 10.65 -15.64 -5.19
C GLN A 713 9.97 -14.32 -5.55
N GLY A 714 9.71 -14.14 -6.86
CA GLY A 714 9.15 -12.91 -7.37
C GLY A 714 10.22 -11.90 -7.76
N THR A 715 9.75 -10.81 -8.39
CA THR A 715 10.59 -9.69 -8.78
C THR A 715 10.28 -8.49 -7.89
N ALA A 716 11.33 -7.92 -7.30
CA ALA A 716 11.20 -6.94 -6.23
C ALA A 716 10.48 -5.67 -6.67
N ASP A 717 9.61 -5.15 -5.80
CA ASP A 717 8.86 -3.94 -6.10
C ASP A 717 9.58 -2.71 -5.56
N PRO A 718 10.17 -1.87 -6.40
CA PRO A 718 10.91 -0.70 -5.88
C PRO A 718 9.99 0.29 -5.16
N LEU A 719 10.49 0.85 -4.06
CA LEU A 719 9.69 1.76 -3.25
C LEU A 719 9.82 3.18 -3.79
N HIS A 720 8.65 3.78 -4.10
CA HIS A 720 8.54 5.14 -4.64
C HIS A 720 8.51 6.16 -3.49
N VAL A 721 9.39 7.14 -3.53
CA VAL A 721 9.31 8.26 -2.60
C VAL A 721 9.46 9.55 -3.38
N ARG A 722 8.60 10.52 -3.05
CA ARG A 722 8.35 11.73 -3.83
C ARG A 722 8.52 12.93 -2.92
N LYS A 723 9.33 13.89 -3.34
CA LYS A 723 9.53 15.11 -2.56
C LYS A 723 8.27 15.95 -2.56
N ALA A 724 8.01 16.61 -1.44
CA ALA A 724 6.94 17.60 -1.36
C ALA A 724 7.41 18.98 -0.90
N PHE A 725 8.54 19.10 -0.20
CA PHE A 725 9.10 20.39 0.19
C PHE A 725 10.53 20.18 0.68
N GLY A 726 11.30 21.27 0.70
CA GLY A 726 12.47 21.36 1.55
C GLY A 726 13.79 21.21 0.83
N PRO A 727 14.90 21.57 1.50
CA PRO A 727 16.18 21.69 0.81
C PRO A 727 16.89 20.39 0.53
N MET A 728 16.65 19.37 1.36
CA MET A 728 17.39 18.12 1.25
C MET A 728 17.17 17.44 -0.11
N ALA A 729 18.26 16.99 -0.71
CA ALA A 729 18.20 16.33 -1.99
C ALA A 729 17.41 15.03 -1.90
N ILE A 730 16.75 14.68 -3.00
CA ILE A 730 16.03 13.41 -3.05
C ILE A 730 16.99 12.24 -2.86
N GLU A 731 18.20 12.34 -3.42
CA GLU A 731 19.18 11.27 -3.25
C GLU A 731 19.50 11.02 -1.79
N ASP A 732 19.81 12.08 -1.04
CA ASP A 732 20.07 11.95 0.39
C ASP A 732 18.88 11.28 1.10
N ALA A 733 17.66 11.68 0.72
CA ALA A 733 16.45 11.16 1.35
C ALA A 733 16.25 9.67 1.05
N LEU A 734 16.49 9.25 -0.19
CA LEU A 734 16.43 7.83 -0.52
C LEU A 734 17.45 7.05 0.27
N LYS A 735 18.66 7.61 0.44
CA LYS A 735 19.68 6.86 1.15
C LYS A 735 19.26 6.64 2.60
N ASP A 736 18.63 7.64 3.23
CA ASP A 736 18.38 7.20 4.58
C ASP A 736 17.02 6.55 4.73
N VAL A 737 16.18 6.55 3.69
CA VAL A 737 15.11 5.55 3.67
C VAL A 737 15.69 4.13 3.65
N PHE A 738 16.71 3.92 2.80
CA PHE A 738 17.32 2.59 2.73
C PHE A 738 17.93 2.18 4.06
N ASP A 739 18.66 3.10 4.72
CA ASP A 739 19.26 2.78 6.02
C ASP A 739 18.19 2.49 7.05
N LEU A 740 17.10 3.28 7.06
CA LEU A 740 16.06 3.00 8.03
C LEU A 740 15.39 1.68 7.76
N SER A 741 15.45 1.19 6.53
CA SER A 741 14.79 -0.08 6.28
C SER A 741 15.72 -1.26 6.57
N CYS A 742 16.98 -1.00 6.88
CA CYS A 742 17.85 -2.08 7.32
C CYS A 742 17.72 -2.34 8.83
N LEU A 743 16.92 -1.53 9.53
CA LEU A 743 16.67 -1.78 10.94
C LEU A 743 15.53 -2.78 11.03
N THR A 744 15.83 -4.01 10.63
CA THR A 744 14.86 -5.08 10.39
C THR A 744 14.46 -5.79 11.68
N TRP A 745 14.09 -4.99 12.68
CA TRP A 745 13.82 -5.51 14.01
C TRP A 745 12.78 -6.60 14.09
N PRO A 746 11.67 -6.56 13.33
CA PRO A 746 10.67 -7.64 13.45
C PRO A 746 11.18 -9.00 13.00
N LYS A 747 12.26 -9.05 12.19
CA LYS A 747 12.83 -10.27 11.62
C LYS A 747 14.23 -9.96 11.10
N PRO A 748 15.23 -10.03 11.96
CA PRO A 748 16.57 -9.50 11.62
C PRO A 748 17.16 -9.99 10.31
N ASP A 749 17.03 -11.29 10.01
CA ASP A 749 17.60 -11.87 8.80
C ASP A 749 16.50 -11.97 7.75
N SER A 750 16.20 -10.80 7.19
CA SER A 750 15.24 -10.64 6.11
C SER A 750 15.45 -9.23 5.56
N CYS A 751 14.79 -8.94 4.43
CA CYS A 751 14.68 -7.56 3.99
C CYS A 751 13.26 -7.08 4.29
N MET A 752 13.09 -5.75 4.29
CA MET A 752 11.87 -5.12 4.78
C MET A 752 11.59 -3.90 3.93
N ARG A 753 10.39 -3.82 3.33
CA ARG A 753 10.18 -2.78 2.32
C ARG A 753 9.98 -1.39 2.91
N LEU A 754 9.40 -1.30 4.11
CA LEU A 754 9.21 0.09 4.51
C LEU A 754 10.28 0.53 5.51
N PRO A 755 10.66 1.81 5.45
CA PRO A 755 11.54 2.35 6.48
C PRO A 755 10.87 2.31 7.85
N LEU A 756 11.67 2.04 8.87
CA LEU A 756 11.18 1.88 10.24
C LEU A 756 10.20 2.99 10.60
N THR A 757 10.42 4.18 10.05
CA THR A 757 9.59 5.33 10.40
C THR A 757 8.12 5.11 10.04
N ILE A 758 7.82 4.56 8.86
CA ILE A 758 6.41 4.29 8.56
C ILE A 758 6.02 2.86 8.91
N LYS A 759 6.98 1.97 9.14
CA LYS A 759 6.65 0.65 9.67
C LYS A 759 5.99 0.78 11.05
N LEU A 760 6.55 1.63 11.91
CA LEU A 760 5.96 1.89 13.22
C LEU A 760 4.55 2.47 13.11
N CYS A 761 4.26 3.22 12.05
CA CYS A 761 2.87 3.63 11.82
C CYS A 761 2.00 2.43 11.50
N ASP A 762 2.51 1.54 10.65
CA ASP A 762 1.70 0.42 10.18
C ASP A 762 1.29 -0.50 11.32
N ILE A 763 2.21 -0.77 12.25
CA ILE A 763 1.84 -1.69 13.33
C ILE A 763 0.77 -1.10 14.27
N ALA A 764 0.57 0.21 14.28
CA ALA A 764 -0.49 0.79 15.10
C ALA A 764 -1.66 1.28 14.24
#